data_5VKW
#
_entry.id   5VKW
#
_cell.length_a   85.030
_cell.length_b   157.845
_cell.length_c   374.554
_cell.angle_alpha   90.00
_cell.angle_beta   90.00
_cell.angle_gamma   90.00
#
_symmetry.space_group_name_H-M   'F 2 2 2'
#
loop_
_entity.id
_entity.type
_entity.pdbx_description
1 polymer 'Adenylosuccinate lyase'
2 non-polymer 'CHLORIDE ION'
3 non-polymer GLYCEROL
4 non-polymer 'MAGNESIUM ION'
5 non-polymer 'CALCIUM ION'
6 non-polymer 'TRIETHYLENE GLYCOL'
7 water water
#
_entity_poly.entity_id   1
_entity_poly.type   'polypeptide(L)'
_entity_poly.pdbx_seq_one_letter_code
;MSEYDKYSTPLSSRYASEEMSKIFSLRNRFSTWRKLWLNLAIAEKEVGLSVITDEAIEQMKQHLEITDKEIQDAAVEEAK
VRHDVMAHVHVFGETCPSAAGIIHLGATSCFVTDNADLIFLRDAYDVLIPKLVNVIDRLSKFALEYKDLPVLGWTHFQPA
QLTTVGKRATLWLQELLWDLRNMVRARNDIGLRGVKGTTGTQASFLSLFHGDHDKVEELDKRVVELLGFDIVYPVTGQTY
SRKIDIDVLSPLASFGATAHKFATDIRLLANLKEIEEPFEKSQIGSSAMAYKRNPMRCERVCSLARHLGGLFNDAVQTAS
VQWFERTLDDSAIRRISLPSAFLTVDILLSTMLNITSGLVVYPKVIERRINSELPFMATENIIMAMVEKGGSRQDCHEEI
RVLSHQASAVVKQEGGDNDLIERIKSTEYFKPIWNDLDTLLDPKTFVGRAPQQTEKFVKNDVANALKPFEKYITTENVAL
KV
;
_entity_poly.pdbx_strand_id   A,B
#
loop_
_chem_comp.id
_chem_comp.type
_chem_comp.name
_chem_comp.formula
CA non-polymer 'CALCIUM ION' 'Ca 2'
CL non-polymer 'CHLORIDE ION' 'Cl -1'
GOL non-polymer GLYCEROL 'C3 H8 O3'
MG non-polymer 'MAGNESIUM ION' 'Mg 2'
PGE non-polymer 'TRIETHYLENE GLYCOL' 'C6 H14 O4'
#
# COMPACT_ATOMS: atom_id res chain seq x y z
N MET A 1 37.49 -13.58 -10.35
CA MET A 1 36.85 -13.65 -11.66
C MET A 1 36.43 -12.27 -12.18
N SER A 2 36.72 -12.01 -13.45
CA SER A 2 36.45 -10.71 -14.05
C SER A 2 34.97 -10.35 -13.98
N GLU A 3 34.70 -9.08 -13.69
CA GLU A 3 33.31 -8.59 -13.70
C GLU A 3 32.69 -8.67 -15.09
N TYR A 4 33.47 -8.56 -16.16
CA TYR A 4 32.89 -8.72 -17.49
C TYR A 4 32.37 -10.11 -17.72
N ASP A 5 32.83 -11.07 -16.94
CA ASP A 5 32.43 -12.44 -17.15
C ASP A 5 31.33 -12.87 -16.24
N LYS A 6 30.53 -12.00 -15.70
CA LYS A 6 29.44 -12.48 -14.93
C LYS A 6 28.35 -11.48 -14.96
N TYR A 7 27.17 -11.96 -14.77
CA TYR A 7 25.97 -11.13 -14.84
C TYR A 7 26.03 -10.10 -13.73
N SER A 8 25.73 -8.85 -14.07
N SER A 8 25.73 -8.85 -14.07
CA SER A 8 25.55 -7.80 -13.07
CA SER A 8 25.55 -7.79 -13.08
C SER A 8 24.19 -7.17 -13.29
C SER A 8 24.19 -7.18 -13.30
N THR A 9 23.44 -6.94 -12.21
CA THR A 9 22.12 -6.34 -12.38
C THR A 9 22.28 -4.90 -12.87
N PRO A 10 21.52 -4.49 -13.89
CA PRO A 10 21.60 -3.09 -14.32
C PRO A 10 21.17 -2.12 -13.24
N LEU A 11 20.42 -2.54 -12.22
CA LEU A 11 20.04 -1.63 -11.14
C LEU A 11 21.24 -1.11 -10.35
N SER A 12 22.41 -1.72 -10.50
CA SER A 12 23.56 -1.19 -9.81
C SER A 12 24.75 -0.91 -10.71
N SER A 13 24.75 -1.37 -11.96
CA SER A 13 25.93 -1.21 -12.81
C SER A 13 25.66 -0.45 -14.10
N ARG A 14 24.43 -0.02 -14.34
CA ARG A 14 24.07 0.66 -15.58
C ARG A 14 23.50 2.06 -15.36
N TYR A 15 22.80 2.29 -14.27
CA TYR A 15 22.21 3.59 -14.00
C TYR A 15 22.95 4.26 -12.85
N ALA A 16 22.88 5.58 -12.82
CA ALA A 16 23.42 6.35 -11.71
C ALA A 16 22.51 6.18 -10.50
N SER A 17 23.03 5.60 -9.43
CA SER A 17 22.37 5.61 -8.14
C SER A 17 23.41 5.24 -7.09
N GLU A 18 24.51 6.00 -7.07
CA GLU A 18 25.63 5.69 -6.18
C GLU A 18 25.16 5.58 -4.75
N GLU A 19 24.42 6.60 -4.30
CA GLU A 19 24.08 6.68 -2.89
C GLU A 19 23.18 5.53 -2.48
N MET A 20 22.12 5.29 -3.25
CA MET A 20 21.20 4.21 -2.90
C MET A 20 21.90 2.86 -2.96
N SER A 21 22.76 2.67 -3.97
CA SER A 21 23.47 1.40 -4.09
C SER A 21 24.44 1.17 -2.94
N LYS A 22 25.09 2.23 -2.46
CA LYS A 22 25.96 2.11 -1.30
C LYS A 22 25.20 1.67 -0.05
N ILE A 23 23.96 2.12 0.12
CA ILE A 23 23.19 1.70 1.29
C ILE A 23 23.07 0.19 1.32
N PHE A 24 22.95 -0.42 0.15
CA PHE A 24 22.76 -1.86 0.05
C PHE A 24 24.04 -2.59 -0.34
N SER A 25 25.20 -1.94 -0.19
CA SER A 25 26.51 -2.54 -0.44
C SER A 25 26.92 -3.46 0.71
N LEU A 26 27.85 -4.38 0.41
CA LEU A 26 28.44 -5.21 1.46
C LEU A 26 29.11 -4.38 2.55
N ARG A 27 29.89 -3.36 2.15
CA ARG A 27 30.60 -2.57 3.15
C ARG A 27 29.63 -1.91 4.11
N ASN A 28 28.56 -1.30 3.58
CA ASN A 28 27.61 -0.66 4.48
C ASN A 28 26.88 -1.67 5.36
N ARG A 29 26.62 -2.87 4.84
CA ARG A 29 26.05 -3.93 5.68
C ARG A 29 26.94 -4.21 6.89
N PHE A 30 28.22 -4.48 6.65
CA PHE A 30 29.08 -4.92 7.73
C PHE A 30 29.44 -3.77 8.66
N SER A 31 29.57 -2.55 8.10
CA SER A 31 29.81 -1.37 8.92
C SER A 31 28.62 -1.06 9.82
N THR A 32 27.42 -1.32 9.33
CA THR A 32 26.24 -1.09 10.14
C THR A 32 26.15 -2.08 11.28
N TRP A 33 26.49 -3.36 11.02
CA TRP A 33 26.64 -4.31 12.12
C TRP A 33 27.53 -3.76 13.22
N ARG A 34 28.67 -3.20 12.84
CA ARG A 34 29.60 -2.68 13.84
C ARG A 34 28.98 -1.49 14.57
N LYS A 35 28.31 -0.61 13.84
CA LYS A 35 27.57 0.47 14.46
C LYS A 35 26.54 -0.08 15.44
N LEU A 36 25.89 -1.20 15.10
CA LEU A 36 24.94 -1.80 16.02
C LEU A 36 25.63 -2.37 17.25
N TRP A 37 26.82 -2.94 17.07
CA TRP A 37 27.53 -3.50 18.22
C TRP A 37 28.04 -2.39 19.12
N LEU A 38 28.50 -1.29 18.55
CA LEU A 38 28.95 -0.16 19.35
C LEU A 38 27.83 0.34 20.25
N ASN A 39 26.63 0.57 19.69
CA ASN A 39 25.58 1.12 20.54
C ASN A 39 24.99 0.07 21.48
N LEU A 40 24.97 -1.20 21.08
CA LEU A 40 24.65 -2.26 22.04
C LEU A 40 25.56 -2.20 23.25
N ALA A 41 26.85 -1.95 23.02
CA ALA A 41 27.79 -1.87 24.14
C ALA A 41 27.54 -0.61 24.97
N ILE A 42 27.27 0.52 24.32
CA ILE A 42 26.99 1.74 25.06
C ILE A 42 25.75 1.56 25.93
N ALA A 43 24.70 0.98 25.36
CA ALA A 43 23.45 0.81 26.07
C ALA A 43 23.59 -0.18 27.21
N GLU A 44 24.32 -1.28 26.99
CA GLU A 44 24.50 -2.26 28.05
C GLU A 44 25.29 -1.70 29.22
N LYS A 45 26.20 -0.77 28.96
CA LYS A 45 26.94 -0.16 30.02
C LYS A 45 26.05 0.74 30.83
N GLU A 46 25.31 1.60 30.16
CA GLU A 46 24.45 2.53 30.88
C GLU A 46 23.43 1.82 31.76
N VAL A 47 22.96 0.65 31.32
CA VAL A 47 21.95 -0.05 32.09
C VAL A 47 22.57 -0.97 33.14
N GLY A 48 23.87 -1.25 33.06
CA GLY A 48 24.55 -1.80 34.21
C GLY A 48 25.50 -2.96 33.99
N LEU A 49 25.85 -3.26 32.74
CA LEU A 49 26.81 -4.34 32.48
C LEU A 49 28.23 -3.76 32.52
N SER A 50 28.81 -3.72 33.72
CA SER A 50 30.15 -3.17 33.87
C SER A 50 31.21 -4.01 33.18
N VAL A 51 30.90 -5.28 32.85
CA VAL A 51 31.91 -6.17 32.25
C VAL A 51 32.47 -5.56 30.97
N ILE A 52 31.74 -4.68 30.33
CA ILE A 52 32.25 -4.03 29.12
C ILE A 52 32.89 -2.71 29.56
N THR A 53 33.99 -2.32 28.91
CA THR A 53 34.85 -1.24 29.41
C THR A 53 34.80 -0.01 28.52
N ASP A 54 35.06 1.15 29.13
CA ASP A 54 35.00 2.43 28.42
C ASP A 54 36.05 2.48 27.31
N GLU A 55 37.18 1.84 27.52
CA GLU A 55 38.22 1.75 26.50
C GLU A 55 37.70 1.03 25.25
N ALA A 56 36.97 -0.07 25.44
CA ALA A 56 36.41 -0.82 24.32
C ALA A 56 35.47 0.05 23.49
N ILE A 57 34.63 0.85 24.17
CA ILE A 57 33.68 1.70 23.45
C ILE A 57 34.42 2.71 22.58
N GLU A 58 35.52 3.29 23.09
CA GLU A 58 36.27 4.27 22.31
CA GLU A 58 36.24 4.27 22.29
C GLU A 58 37.02 3.63 21.16
N GLN A 59 37.50 2.40 21.35
CA GLN A 59 38.26 1.72 20.31
C GLN A 59 37.36 1.25 19.17
N MET A 60 36.15 0.79 19.49
CA MET A 60 35.19 0.46 18.45
C MET A 60 34.83 1.67 17.61
N LYS A 61 35.06 2.88 18.11
CA LYS A 61 34.50 4.07 17.48
C LYS A 61 35.28 4.55 16.27
N GLN A 62 36.55 4.16 16.12
CA GLN A 62 37.31 4.46 14.90
C GLN A 62 37.59 3.19 14.08
N HIS A 63 36.70 2.20 14.18
CA HIS A 63 36.75 1.03 13.30
C HIS A 63 35.35 0.61 12.90
N LEU A 64 34.43 1.58 12.78
CA LEU A 64 33.07 1.28 12.37
C LEU A 64 32.95 1.06 10.87
N GLU A 65 33.88 1.57 10.07
CA GLU A 65 33.85 1.45 8.61
C GLU A 65 34.83 0.35 8.20
N ILE A 66 34.28 -0.82 7.86
CA ILE A 66 35.09 -2.01 7.61
C ILE A 66 35.98 -1.82 6.38
N THR A 67 37.23 -2.27 6.48
CA THR A 67 38.15 -2.20 5.34
C THR A 67 38.02 -3.45 4.48
N ASP A 68 38.51 -3.34 3.24
CA ASP A 68 38.54 -4.50 2.36
C ASP A 68 39.30 -5.65 3.02
N LYS A 69 40.38 -5.34 3.73
CA LYS A 69 41.15 -6.37 4.40
C LYS A 69 40.30 -7.08 5.46
N GLU A 70 39.56 -6.31 6.26
CA GLU A 70 38.69 -6.92 7.26
C GLU A 70 37.54 -7.69 6.59
N ILE A 71 36.98 -7.16 5.51
CA ILE A 71 35.97 -7.92 4.77
C ILE A 71 36.54 -9.25 4.32
N GLN A 72 37.75 -9.22 3.77
CA GLN A 72 38.38 -10.44 3.29
C GLN A 72 38.70 -11.38 4.44
N ASP A 73 39.15 -10.84 5.57
CA ASP A 73 39.43 -11.72 6.71
C ASP A 73 38.17 -12.28 7.32
N ALA A 74 37.08 -11.50 7.31
CA ALA A 74 35.79 -12.05 7.72
C ALA A 74 35.34 -13.15 6.77
N ALA A 75 35.66 -13.03 5.48
CA ALA A 75 35.30 -14.07 4.53
C ALA A 75 36.10 -15.34 4.76
N VAL A 76 37.38 -15.23 5.15
CA VAL A 76 38.13 -16.46 5.38
C VAL A 76 37.60 -17.17 6.61
N GLU A 77 37.00 -16.44 7.54
CA GLU A 77 36.43 -17.06 8.73
C GLU A 77 35.02 -17.59 8.48
N GLU A 78 34.21 -16.89 7.69
CA GLU A 78 32.87 -17.37 7.36
C GLU A 78 32.92 -18.73 6.68
N ALA A 79 33.93 -18.95 5.85
CA ALA A 79 34.10 -20.28 5.24
C ALA A 79 34.50 -21.32 6.27
N LYS A 80 35.14 -20.89 7.37
CA LYS A 80 35.63 -21.77 8.42
C LYS A 80 34.58 -22.10 9.47
N VAL A 81 33.79 -21.11 9.90
CA VAL A 81 32.83 -21.28 10.98
C VAL A 81 31.39 -21.26 10.49
N ARG A 82 31.17 -21.18 9.16
CA ARG A 82 29.86 -21.43 8.57
C ARG A 82 28.83 -20.38 8.96
N HIS A 83 29.26 -19.17 9.29
CA HIS A 83 28.32 -18.16 9.77
C HIS A 83 28.90 -16.75 9.61
N ASP A 84 28.16 -15.86 8.98
CA ASP A 84 28.70 -14.54 8.63
C ASP A 84 28.90 -13.66 9.86
N VAL A 85 27.91 -13.61 10.76
CA VAL A 85 27.94 -12.66 11.87
C VAL A 85 29.07 -12.96 12.85
N MET A 86 29.14 -14.23 13.27
CA MET A 86 30.18 -14.66 14.18
C MET A 86 31.54 -14.34 13.56
N ALA A 87 31.68 -14.62 12.27
CA ALA A 87 32.92 -14.33 11.57
C ALA A 87 33.27 -12.86 11.67
N HIS A 88 32.25 -11.99 11.62
CA HIS A 88 32.50 -10.56 11.74
C HIS A 88 32.66 -10.12 13.19
N VAL A 89 32.00 -10.79 14.14
CA VAL A 89 32.33 -10.56 15.55
C VAL A 89 33.81 -10.83 15.79
N HIS A 90 34.32 -11.93 15.21
CA HIS A 90 35.72 -12.29 15.43
C HIS A 90 36.66 -11.23 14.87
N VAL A 91 36.44 -10.81 13.62
CA VAL A 91 37.34 -9.86 12.98
C VAL A 91 37.24 -8.50 13.65
N PHE A 92 36.02 -8.05 13.97
CA PHE A 92 35.84 -6.79 14.69
C PHE A 92 36.57 -6.83 16.02
N GLY A 93 36.52 -7.97 16.70
CA GLY A 93 37.19 -8.15 17.98
C GLY A 93 38.68 -8.39 17.87
N GLU A 94 39.17 -8.85 16.71
CA GLU A 94 40.61 -8.85 16.49
C GLU A 94 41.08 -7.45 16.15
N THR A 95 40.38 -6.79 15.21
CA THR A 95 40.62 -5.37 14.96
C THR A 95 40.46 -4.54 16.24
N CYS A 96 39.55 -4.95 17.12
CA CYS A 96 39.28 -4.24 18.37
C CYS A 96 39.46 -5.21 19.55
N PRO A 97 40.71 -5.40 20.01
CA PRO A 97 40.96 -6.44 21.03
C PRO A 97 40.44 -6.09 22.43
N SER A 98 40.31 -4.81 22.77
CA SER A 98 39.73 -4.48 24.07
C SER A 98 38.21 -4.62 24.10
N ALA A 99 37.57 -4.76 22.94
CA ALA A 99 36.14 -5.02 22.86
C ALA A 99 35.82 -6.47 22.50
N ALA A 100 36.82 -7.33 22.34
CA ALA A 100 36.57 -8.66 21.79
C ALA A 100 35.73 -9.54 22.72
N GLY A 101 35.84 -9.37 24.05
CA GLY A 101 34.99 -10.12 24.95
C GLY A 101 33.60 -9.54 25.11
N ILE A 102 33.39 -8.38 24.49
CA ILE A 102 32.25 -7.52 24.75
C ILE A 102 31.31 -7.43 23.55
N ILE A 103 31.84 -7.50 22.33
CA ILE A 103 31.03 -7.37 21.13
C ILE A 103 29.98 -8.47 21.10
N HIS A 104 28.73 -8.09 20.78
CA HIS A 104 27.61 -9.01 20.61
C HIS A 104 27.09 -9.56 21.93
N LEU A 105 27.58 -9.05 23.06
CA LEU A 105 27.25 -9.60 24.36
C LEU A 105 25.73 -9.73 24.54
N GLY A 106 25.27 -10.97 24.67
CA GLY A 106 23.89 -11.24 25.01
C GLY A 106 22.95 -11.29 23.83
N ALA A 107 23.39 -10.90 22.64
CA ALA A 107 22.51 -10.75 21.51
C ALA A 107 22.54 -12.00 20.64
N THR A 108 21.51 -12.13 19.81
CA THR A 108 21.45 -13.15 18.78
C THR A 108 21.81 -12.53 17.43
N SER A 109 21.99 -13.38 16.42
CA SER A 109 22.54 -12.89 15.17
C SER A 109 21.61 -11.87 14.53
N CYS A 110 20.29 -12.05 14.65
CA CYS A 110 19.38 -11.08 14.07
C CYS A 110 19.45 -9.72 14.75
N PHE A 111 20.12 -9.58 15.90
CA PHE A 111 20.28 -8.25 16.44
C PHE A 111 20.93 -7.33 15.41
N VAL A 112 21.94 -7.83 14.69
CA VAL A 112 22.61 -6.99 13.69
C VAL A 112 22.00 -7.16 12.30
N THR A 113 21.74 -8.38 11.82
CA THR A 113 21.30 -8.51 10.42
C THR A 113 19.95 -7.86 10.20
N ASP A 114 19.06 -7.98 11.18
CA ASP A 114 17.67 -7.56 11.03
C ASP A 114 17.51 -6.07 11.33
N ASN A 115 18.13 -5.59 12.39
CA ASN A 115 18.10 -4.16 12.67
C ASN A 115 18.78 -3.37 11.55
N ALA A 116 19.86 -3.92 10.98
CA ALA A 116 20.53 -3.24 9.88
C ALA A 116 19.59 -3.12 8.68
N ASP A 117 18.83 -4.17 8.39
CA ASP A 117 17.86 -4.09 7.29
C ASP A 117 16.87 -2.95 7.48
N LEU A 118 16.32 -2.80 8.70
CA LEU A 118 15.37 -1.72 8.95
C LEU A 118 16.03 -0.35 8.80
N ILE A 119 17.25 -0.22 9.30
CA ILE A 119 18.00 1.01 9.10
C ILE A 119 18.13 1.33 7.62
N PHE A 120 18.40 0.31 6.79
CA PHE A 120 18.57 0.57 5.36
C PHE A 120 17.26 1.01 4.73
N LEU A 121 16.13 0.41 5.17
CA LEU A 121 14.84 0.78 4.60
C LEU A 121 14.54 2.25 4.83
N ARG A 122 14.73 2.72 6.08
CA ARG A 122 14.44 4.13 6.34
C ARG A 122 15.49 5.03 5.70
N ASP A 123 16.77 4.65 5.79
CA ASP A 123 17.81 5.42 5.09
C ASP A 123 17.51 5.51 3.60
N ALA A 124 16.99 4.43 3.02
CA ALA A 124 16.67 4.46 1.59
C ALA A 124 15.53 5.43 1.30
N TYR A 125 14.48 5.41 2.14
CA TYR A 125 13.40 6.38 2.02
C TYR A 125 13.91 7.80 2.16
N ASP A 126 14.91 8.02 3.03
CA ASP A 126 15.45 9.37 3.16
C ASP A 126 16.29 9.76 1.94
N VAL A 127 16.57 8.82 1.04
CA VAL A 127 17.18 9.20 -0.23
C VAL A 127 16.12 9.52 -1.26
N LEU A 128 15.06 8.69 -1.28
CA LEU A 128 13.98 8.86 -2.24
C LEU A 128 13.22 10.14 -2.02
N ILE A 129 12.83 10.43 -0.77
CA ILE A 129 11.84 11.49 -0.51
C ILE A 129 12.35 12.80 -0.97
N PRO A 130 13.61 13.24 -0.73
CA PRO A 130 14.08 14.49 -1.31
C PRO A 130 14.01 14.52 -2.84
N LYS A 131 14.21 13.39 -3.53
CA LYS A 131 14.12 13.44 -5.00
C LYS A 131 12.68 13.63 -5.42
N LEU A 132 11.75 12.98 -4.70
CA LEU A 132 10.33 13.14 -5.00
C LEU A 132 9.89 14.58 -4.84
N VAL A 133 10.29 15.19 -3.72
CA VAL A 133 10.02 16.61 -3.46
C VAL A 133 10.49 17.47 -4.62
N ASN A 134 11.70 17.21 -5.12
CA ASN A 134 12.23 18.04 -6.21
C ASN A 134 11.50 17.75 -7.51
N VAL A 135 11.10 16.49 -7.76
CA VAL A 135 10.27 16.25 -8.94
C VAL A 135 8.99 17.05 -8.86
N ILE A 136 8.32 16.99 -7.69
CA ILE A 136 7.10 17.78 -7.50
C ILE A 136 7.39 19.26 -7.72
N ASP A 137 8.51 19.75 -7.20
CA ASP A 137 8.84 21.17 -7.35
C ASP A 137 9.00 21.57 -8.81
N ARG A 138 9.76 20.79 -9.61
CA ARG A 138 9.98 21.14 -11.01
C ARG A 138 8.70 21.02 -11.82
N LEU A 139 7.94 19.96 -11.60
CA LEU A 139 6.74 19.78 -12.42
C LEU A 139 5.68 20.79 -12.05
N SER A 140 5.62 21.22 -10.78
CA SER A 140 4.63 22.25 -10.42
C SER A 140 5.01 23.60 -10.97
N LYS A 141 6.31 23.93 -11.01
CA LYS A 141 6.73 25.14 -11.72
C LYS A 141 6.36 25.07 -13.19
N PHE A 142 6.56 23.90 -13.83
CA PHE A 142 6.09 23.72 -15.20
C PHE A 142 4.57 23.93 -15.29
N ALA A 143 3.78 23.28 -14.40
CA ALA A 143 2.33 23.41 -14.51
C ALA A 143 1.89 24.88 -14.39
N LEU A 144 2.48 25.60 -13.45
CA LEU A 144 2.15 27.01 -13.32
C LEU A 144 2.53 27.79 -14.59
N GLU A 145 3.74 27.54 -15.11
CA GLU A 145 4.17 28.24 -16.31
C GLU A 145 3.19 28.09 -17.46
N TYR A 146 2.61 26.92 -17.63
CA TYR A 146 1.76 26.62 -18.78
C TYR A 146 0.27 26.52 -18.37
N LYS A 147 -0.09 27.15 -17.25
CA LYS A 147 -1.46 26.99 -16.75
C LYS A 147 -2.49 27.48 -17.74
N ASP A 148 -2.12 28.44 -18.60
CA ASP A 148 -3.04 29.11 -19.51
C ASP A 148 -3.07 28.51 -20.90
N LEU A 149 -2.10 27.69 -21.24
CA LEU A 149 -1.92 27.28 -22.64
C LEU A 149 -2.95 26.24 -23.08
N PRO A 150 -3.90 26.59 -23.96
CA PRO A 150 -4.95 25.61 -24.32
C PRO A 150 -4.35 24.42 -25.05
N VAL A 151 -4.91 23.23 -24.78
CA VAL A 151 -4.43 21.98 -25.37
C VAL A 151 -5.62 21.07 -25.65
N LEU A 152 -5.59 20.35 -26.78
CA LEU A 152 -6.66 19.41 -27.03
C LEU A 152 -6.73 18.42 -25.88
N GLY A 153 -7.95 18.23 -25.32
CA GLY A 153 -8.15 17.18 -24.33
C GLY A 153 -8.36 15.83 -25.00
N TRP A 154 -8.18 14.75 -24.23
CA TRP A 154 -8.25 13.41 -24.80
C TRP A 154 -9.00 12.48 -23.86
N THR A 155 -10.12 11.92 -24.32
CA THR A 155 -10.74 10.83 -23.62
C THR A 155 -10.95 9.69 -24.62
N HIS A 156 -10.67 8.46 -24.19
CA HIS A 156 -10.51 7.34 -25.12
C HIS A 156 -9.38 7.61 -26.14
N PHE A 157 -8.53 8.60 -25.87
CA PHE A 157 -7.54 9.13 -26.83
C PHE A 157 -8.22 9.58 -28.11
N GLN A 158 -9.39 10.18 -27.95
CA GLN A 158 -10.13 10.86 -29.00
C GLN A 158 -10.33 12.31 -28.60
N PRO A 159 -10.51 13.22 -29.56
CA PRO A 159 -10.56 14.66 -29.24
C PRO A 159 -11.65 14.96 -28.21
N ALA A 160 -11.31 15.73 -27.19
CA ALA A 160 -12.24 16.04 -26.13
C ALA A 160 -12.04 17.50 -25.69
N GLN A 161 -13.02 17.99 -24.93
CA GLN A 161 -13.07 19.38 -24.50
C GLN A 161 -11.72 19.89 -24.03
N LEU A 162 -11.33 21.07 -24.51
CA LEU A 162 -9.99 21.60 -24.26
C LEU A 162 -9.66 21.68 -22.77
N THR A 163 -8.39 21.45 -22.45
CA THR A 163 -7.86 21.76 -21.13
C THR A 163 -6.65 22.65 -21.39
N THR A 164 -5.71 22.69 -20.45
CA THR A 164 -4.46 23.41 -20.69
C THR A 164 -3.29 22.50 -20.38
N VAL A 165 -2.12 22.89 -20.88
CA VAL A 165 -0.94 22.07 -20.67
C VAL A 165 -0.64 21.97 -19.16
N GLY A 166 -0.69 23.10 -18.46
CA GLY A 166 -0.42 23.08 -17.03
C GLY A 166 -1.45 22.27 -16.27
N LYS A 167 -2.74 22.42 -16.61
CA LYS A 167 -3.76 21.67 -15.88
C LYS A 167 -3.57 20.17 -16.06
N ARG A 168 -3.23 19.73 -17.29
CA ARG A 168 -2.95 18.31 -17.47
C ARG A 168 -1.82 17.85 -16.56
N ALA A 169 -0.80 18.70 -16.41
CA ALA A 169 0.31 18.34 -15.53
C ALA A 169 -0.14 18.21 -14.08
N THR A 170 -1.23 18.89 -13.68
CA THR A 170 -1.65 18.74 -12.30
C THR A 170 -2.22 17.36 -12.04
N LEU A 171 -2.60 16.61 -13.07
CA LEU A 171 -3.00 15.23 -12.82
C LEU A 171 -1.81 14.42 -12.33
N TRP A 172 -0.68 14.53 -13.04
CA TRP A 172 0.55 13.88 -12.60
C TRP A 172 0.96 14.40 -11.22
N LEU A 173 0.88 15.71 -11.00
CA LEU A 173 1.28 16.27 -9.70
C LEU A 173 0.42 15.71 -8.57
N GLN A 174 -0.90 15.65 -8.77
CA GLN A 174 -1.76 15.14 -7.72
C GLN A 174 -1.38 13.71 -7.36
N GLU A 175 -1.09 12.88 -8.37
CA GLU A 175 -0.63 11.54 -8.04
C GLU A 175 0.68 11.59 -7.25
N LEU A 176 1.61 12.46 -7.64
CA LEU A 176 2.88 12.57 -6.92
C LEU A 176 2.68 13.04 -5.48
N LEU A 177 1.67 13.89 -5.24
CA LEU A 177 1.40 14.29 -3.86
C LEU A 177 0.94 13.10 -3.04
N TRP A 178 0.17 12.20 -3.66
CA TRP A 178 -0.24 10.99 -2.94
C TRP A 178 0.96 10.09 -2.67
N ASP A 179 1.89 10.02 -3.62
CA ASP A 179 3.13 9.28 -3.40
C ASP A 179 3.91 9.87 -2.23
N LEU A 180 3.98 11.21 -2.14
CA LEU A 180 4.67 11.82 -1.02
C LEU A 180 4.01 11.43 0.28
N ARG A 181 2.68 11.49 0.31
CA ARG A 181 1.93 11.08 1.50
C ARG A 181 2.21 9.62 1.85
N ASN A 182 2.14 8.74 0.85
CA ASN A 182 2.35 7.32 1.12
C ASN A 182 3.76 7.04 1.62
N MET A 183 4.75 7.66 0.98
CA MET A 183 6.15 7.36 1.29
C MET A 183 6.53 7.92 2.65
N VAL A 184 6.10 9.16 2.94
CA VAL A 184 6.37 9.77 4.25
C VAL A 184 5.76 8.92 5.35
N ARG A 185 4.53 8.40 5.15
CA ARG A 185 3.95 7.50 6.14
C ARG A 185 4.83 6.28 6.36
N ALA A 186 5.17 5.58 5.28
CA ALA A 186 5.94 4.35 5.43
C ALA A 186 7.26 4.65 6.10
N ARG A 187 7.89 5.77 5.74
CA ARG A 187 9.18 6.14 6.29
C ARG A 187 9.08 6.33 7.79
N ASN A 188 8.06 7.04 8.24
CA ASN A 188 7.90 7.31 9.66
C ASN A 188 7.24 6.17 10.44
N ASP A 189 6.68 5.19 9.75
CA ASP A 189 6.13 4.02 10.45
C ASP A 189 7.23 3.06 10.91
N ILE A 190 8.41 3.09 10.28
CA ILE A 190 9.46 2.10 10.51
C ILE A 190 10.02 2.23 11.93
N GLY A 191 10.06 1.10 12.64
CA GLY A 191 10.74 1.01 13.92
C GLY A 191 11.88 0.02 13.81
N LEU A 192 12.53 -0.21 14.96
CA LEU A 192 13.62 -1.18 15.04
C LEU A 192 13.17 -2.39 15.84
N ARG A 193 13.71 -3.55 15.43
CA ARG A 193 13.53 -4.78 16.20
C ARG A 193 14.17 -4.65 17.59
N GLY A 194 15.32 -3.98 17.67
CA GLY A 194 15.95 -3.91 18.98
C GLY A 194 16.55 -5.26 19.37
N VAL A 195 16.58 -5.52 20.68
CA VAL A 195 17.12 -6.77 21.21
C VAL A 195 15.95 -7.66 21.63
N LYS A 196 15.85 -8.85 21.00
CA LYS A 196 14.69 -9.70 21.16
C LYS A 196 15.01 -11.18 21.42
N GLY A 197 16.24 -11.63 21.19
CA GLY A 197 16.55 -13.02 21.42
C GLY A 197 16.12 -13.90 20.25
N THR A 198 16.40 -15.20 20.37
CA THR A 198 16.21 -16.09 19.23
CA THR A 198 16.21 -16.09 19.23
C THR A 198 14.74 -16.28 18.86
N THR A 199 13.81 -16.09 19.80
CA THR A 199 12.41 -16.26 19.46
CA THR A 199 12.39 -16.27 19.48
C THR A 199 11.55 -15.07 19.91
N GLY A 200 12.16 -13.95 20.25
CA GLY A 200 11.44 -12.72 20.60
C GLY A 200 11.16 -12.54 22.09
N THR A 201 11.50 -13.51 22.93
CA THR A 201 11.15 -13.45 24.34
C THR A 201 12.19 -12.75 25.21
N GLN A 202 13.32 -12.36 24.63
CA GLN A 202 14.44 -11.74 25.37
C GLN A 202 14.90 -12.61 26.53
N ALA A 203 14.74 -13.94 26.42
CA ALA A 203 15.11 -14.80 27.54
C ALA A 203 16.58 -14.63 27.90
N SER A 204 17.46 -14.49 26.91
CA SER A 204 18.86 -14.47 27.30
C SER A 204 19.23 -13.10 27.88
N PHE A 205 18.56 -12.02 27.45
CA PHE A 205 18.83 -10.74 28.11
C PHE A 205 18.23 -10.70 29.51
N LEU A 206 17.05 -11.28 29.70
CA LEU A 206 16.49 -11.34 31.05
C LEU A 206 17.39 -12.11 31.98
N SER A 207 17.98 -13.20 31.49
CA SER A 207 18.94 -13.95 32.30
C SER A 207 20.19 -13.12 32.58
N LEU A 208 20.68 -12.40 31.57
CA LEU A 208 21.90 -11.61 31.75
C LEU A 208 21.69 -10.48 32.76
N PHE A 209 20.48 -9.91 32.85
CA PHE A 209 20.19 -8.95 33.90
C PHE A 209 19.57 -9.59 35.14
N HIS A 210 19.81 -10.89 35.36
CA HIS A 210 19.42 -11.59 36.58
C HIS A 210 17.92 -11.43 36.89
N GLY A 211 17.10 -11.40 35.84
CA GLY A 211 15.66 -11.34 36.00
C GLY A 211 15.06 -9.95 36.09
N ASP A 212 15.85 -8.89 35.87
CA ASP A 212 15.35 -7.51 35.96
C ASP A 212 14.70 -7.13 34.64
N HIS A 213 13.36 -7.16 34.60
CA HIS A 213 12.62 -6.82 33.38
C HIS A 213 12.82 -5.36 33.00
N ASP A 214 12.84 -4.47 33.98
CA ASP A 214 12.97 -3.05 33.67
C ASP A 214 14.28 -2.76 32.95
N LYS A 215 15.35 -3.48 33.29
CA LYS A 215 16.62 -3.28 32.60
C LYS A 215 16.58 -3.81 31.17
N VAL A 216 15.88 -4.93 30.94
CA VAL A 216 15.71 -5.42 29.57
C VAL A 216 14.93 -4.40 28.76
N GLU A 217 13.81 -3.94 29.29
CA GLU A 217 13.02 -2.93 28.58
C GLU A 217 13.84 -1.69 28.30
N GLU A 218 14.59 -1.22 29.29
CA GLU A 218 15.29 0.04 29.06
C GLU A 218 16.47 -0.15 28.12
N LEU A 219 17.13 -1.32 28.18
CA LEU A 219 18.13 -1.65 27.15
C LEU A 219 17.53 -1.62 25.75
N ASP A 220 16.38 -2.29 25.57
CA ASP A 220 15.72 -2.28 24.26
C ASP A 220 15.43 -0.85 23.79
N LYS A 221 14.87 -0.03 24.68
CA LYS A 221 14.58 1.35 24.31
C LYS A 221 15.85 2.10 23.94
N ARG A 222 16.93 1.93 24.72
CA ARG A 222 18.09 2.80 24.56
C ARG A 222 18.91 2.40 23.33
N VAL A 223 19.06 1.11 23.05
CA VAL A 223 19.82 0.77 21.86
C VAL A 223 19.13 1.33 20.63
N VAL A 224 17.80 1.34 20.62
CA VAL A 224 17.07 1.83 19.48
C VAL A 224 17.17 3.35 19.39
N GLU A 225 17.15 4.02 20.54
CA GLU A 225 17.30 5.47 20.58
C GLU A 225 18.67 5.91 20.06
N LEU A 226 19.74 5.20 20.45
CA LEU A 226 21.08 5.56 20.01
C LEU A 226 21.20 5.51 18.48
N LEU A 227 20.45 4.63 17.84
CA LEU A 227 20.49 4.49 16.40
C LEU A 227 19.62 5.51 15.69
N GLY A 228 18.91 6.37 16.43
CA GLY A 228 18.11 7.42 15.83
C GLY A 228 16.68 7.06 15.54
N PHE A 229 16.11 6.10 16.25
CA PHE A 229 14.76 5.63 15.99
C PHE A 229 13.91 5.83 17.24
N ASP A 230 12.66 6.23 17.04
CA ASP A 230 11.75 6.43 18.16
C ASP A 230 10.89 5.20 18.46
N ILE A 231 10.67 4.32 17.49
CA ILE A 231 9.79 3.17 17.66
C ILE A 231 10.63 1.90 17.83
N VAL A 232 10.36 1.15 18.88
CA VAL A 232 10.91 -0.20 19.02
C VAL A 232 9.74 -1.17 19.05
N TYR A 233 9.79 -2.21 18.22
CA TYR A 233 8.68 -3.16 18.13
C TYR A 233 8.54 -3.94 19.44
N PRO A 234 7.43 -3.85 20.15
CA PRO A 234 7.34 -4.55 21.45
C PRO A 234 7.22 -6.05 21.32
N VAL A 235 6.63 -6.56 20.25
CA VAL A 235 6.27 -7.97 20.19
C VAL A 235 6.75 -8.49 18.85
N THR A 236 7.75 -9.37 18.88
CA THR A 236 8.29 -9.99 17.69
C THR A 236 8.50 -11.48 17.94
N GLY A 237 8.72 -12.23 16.86
CA GLY A 237 9.36 -13.52 17.01
C GLY A 237 10.86 -13.30 16.88
N GLN A 238 11.56 -14.13 16.10
CA GLN A 238 13.00 -13.91 15.95
C GLN A 238 13.31 -12.55 15.34
N THR A 239 12.47 -12.08 14.42
CA THR A 239 12.78 -10.90 13.60
C THR A 239 11.57 -9.98 13.53
N TYR A 240 11.77 -8.83 12.88
CA TYR A 240 10.64 -7.95 12.63
C TYR A 240 9.69 -8.64 11.68
N SER A 241 8.39 -8.38 11.87
CA SER A 241 7.37 -9.00 11.05
C SER A 241 7.62 -8.67 9.57
N ARG A 242 7.65 -9.71 8.71
CA ARG A 242 7.87 -9.46 7.29
C ARG A 242 6.69 -8.72 6.67
N LYS A 243 5.56 -8.61 7.37
CA LYS A 243 4.50 -7.73 6.90
C LYS A 243 4.98 -6.29 6.81
N ILE A 244 6.00 -5.92 7.58
CA ILE A 244 6.55 -4.58 7.44
C ILE A 244 7.13 -4.38 6.04
N ASP A 245 7.70 -5.44 5.45
CA ASP A 245 8.25 -5.27 4.11
C ASP A 245 7.17 -4.93 3.10
N ILE A 246 5.98 -5.50 3.26
CA ILE A 246 4.86 -5.15 2.39
C ILE A 246 4.52 -3.68 2.54
N ASP A 247 4.36 -3.22 3.77
CA ASP A 247 3.90 -1.86 3.98
C ASP A 247 5.00 -0.85 3.68
N VAL A 248 6.26 -1.30 3.62
CA VAL A 248 7.36 -0.46 3.15
C VAL A 248 7.41 -0.43 1.61
N LEU A 249 6.93 -1.48 0.94
CA LEU A 249 6.97 -1.53 -0.52
C LEU A 249 5.68 -1.01 -1.16
N SER A 250 4.57 -1.02 -0.45
CA SER A 250 3.33 -0.58 -1.09
C SER A 250 3.40 0.86 -1.59
N PRO A 251 4.06 1.82 -0.94
CA PRO A 251 4.18 3.14 -1.60
C PRO A 251 5.02 3.06 -2.87
N LEU A 252 5.98 2.15 -2.92
CA LEU A 252 6.80 2.05 -4.10
C LEU A 252 6.00 1.44 -5.23
N ALA A 253 5.23 0.38 -4.93
CA ALA A 253 4.32 -0.19 -5.91
C ALA A 253 3.34 0.86 -6.43
N SER A 254 2.72 1.64 -5.52
CA SER A 254 1.77 2.66 -5.97
C SER A 254 2.44 3.73 -6.83
N PHE A 255 3.63 4.18 -6.41
CA PHE A 255 4.39 5.16 -7.20
C PHE A 255 4.70 4.64 -8.61
N GLY A 256 4.94 3.33 -8.75
CA GLY A 256 5.17 2.77 -10.08
C GLY A 256 4.07 3.15 -11.06
N ALA A 257 2.80 3.14 -10.61
CA ALA A 257 1.72 3.56 -11.51
C ALA A 257 1.80 5.06 -11.85
N THR A 258 2.17 5.89 -10.86
CA THR A 258 2.31 7.33 -11.14
C THR A 258 3.32 7.55 -12.23
N ALA A 259 4.48 6.90 -12.08
CA ALA A 259 5.57 7.09 -13.02
C ALA A 259 5.20 6.58 -14.41
N HIS A 260 4.56 5.42 -14.46
CA HIS A 260 4.20 4.82 -15.74
C HIS A 260 3.15 5.65 -16.48
N LYS A 261 2.14 6.13 -15.76
CA LYS A 261 1.12 6.99 -16.38
C LYS A 261 1.72 8.30 -16.85
N PHE A 262 2.53 8.96 -16.00
CA PHE A 262 3.23 10.18 -16.40
C PHE A 262 4.05 9.95 -17.68
N ALA A 263 4.88 8.93 -17.68
CA ALA A 263 5.79 8.72 -18.80
C ALA A 263 5.04 8.21 -20.03
N THR A 264 3.94 7.47 -19.85
CA THR A 264 3.13 7.10 -21.01
C THR A 264 2.48 8.34 -21.65
N ASP A 265 1.96 9.24 -20.82
CA ASP A 265 1.36 10.46 -21.37
C ASP A 265 2.40 11.27 -22.16
N ILE A 266 3.61 11.42 -21.60
CA ILE A 266 4.61 12.22 -22.29
C ILE A 266 5.01 11.55 -23.61
N ARG A 267 5.14 10.22 -23.64
CA ARG A 267 5.48 9.53 -24.91
C ARG A 267 4.41 9.76 -25.97
N LEU A 268 3.14 9.81 -25.56
CA LEU A 268 2.05 10.13 -26.51
C LEU A 268 2.13 11.59 -26.95
N LEU A 269 2.45 12.51 -26.03
CA LEU A 269 2.60 13.92 -26.41
C LEU A 269 3.80 14.13 -27.35
N ALA A 270 4.87 13.36 -27.14
CA ALA A 270 6.01 13.37 -28.06
C ALA A 270 5.59 12.89 -29.44
N ASN A 271 4.78 11.81 -29.50
CA ASN A 271 4.24 11.41 -30.80
C ASN A 271 3.47 12.55 -31.45
N LEU A 272 2.70 13.27 -30.65
CA LEU A 272 1.88 14.34 -31.17
C LEU A 272 2.70 15.60 -31.47
N LYS A 273 3.99 15.59 -31.15
CA LYS A 273 4.91 16.71 -31.32
C LYS A 273 4.57 17.90 -30.43
N GLU A 274 3.78 17.69 -29.38
CA GLU A 274 3.35 18.79 -28.52
C GLU A 274 4.36 19.06 -27.42
N ILE A 275 4.92 18.00 -26.82
CA ILE A 275 5.87 18.08 -25.70
C ILE A 275 6.95 17.04 -25.96
N GLU A 276 8.21 17.42 -25.79
CA GLU A 276 9.35 16.51 -25.92
C GLU A 276 10.19 16.56 -24.65
N GLU A 277 11.03 15.53 -24.50
CA GLU A 277 12.00 15.44 -23.42
C GLU A 277 13.08 16.49 -23.62
N PRO A 278 13.80 16.86 -22.54
CA PRO A 278 14.76 17.98 -22.63
C PRO A 278 15.84 17.75 -23.67
N PHE A 279 16.27 18.85 -24.30
CA PHE A 279 17.46 18.79 -25.12
C PHE A 279 18.67 18.41 -24.28
N GLU A 280 19.57 17.63 -24.86
CA GLU A 280 20.76 17.18 -24.16
C GLU A 280 21.94 18.13 -24.42
N LYS A 281 22.65 17.91 -25.52
CA LYS A 281 23.86 18.68 -25.82
C LYS A 281 23.58 20.19 -25.94
N ALA A 288 20.74 23.40 -33.99
CA ALA A 288 20.54 22.34 -34.98
C ALA A 288 19.86 21.12 -34.37
N MET A 289 18.68 21.33 -33.78
CA MET A 289 17.92 20.24 -33.17
C MET A 289 17.46 19.25 -34.22
N ALA A 290 17.41 17.98 -33.83
CA ALA A 290 16.91 16.94 -34.73
C ALA A 290 15.40 17.08 -34.91
N TYR A 291 14.93 16.79 -36.13
CA TYR A 291 13.50 16.80 -36.38
C TYR A 291 12.79 15.73 -35.54
N LYS A 292 13.27 14.49 -35.63
CA LYS A 292 12.67 13.36 -34.93
C LYS A 292 13.48 13.04 -33.68
N ARG A 293 12.81 13.01 -32.53
CA ARG A 293 13.44 12.70 -31.26
C ARG A 293 12.62 11.62 -30.56
N ASN A 294 13.31 10.67 -29.94
CA ASN A 294 12.64 9.61 -29.20
C ASN A 294 12.53 9.95 -27.70
N PRO A 295 11.35 9.71 -27.06
CA PRO A 295 11.23 9.92 -25.60
C PRO A 295 11.84 8.78 -24.80
N MET A 296 13.14 8.59 -24.95
CA MET A 296 13.81 7.42 -24.41
C MET A 296 13.86 7.41 -22.89
N ARG A 297 13.97 8.57 -22.24
CA ARG A 297 13.95 8.56 -20.77
C ARG A 297 12.59 8.12 -20.27
N CYS A 298 11.53 8.64 -20.89
CA CYS A 298 10.18 8.21 -20.55
C CYS A 298 9.96 6.73 -20.79
N GLU A 299 10.52 6.19 -21.88
CA GLU A 299 10.41 4.75 -22.12
C GLU A 299 11.11 3.94 -21.03
N ARG A 300 12.27 4.40 -20.56
CA ARG A 300 12.95 3.74 -19.45
C ARG A 300 12.13 3.82 -18.16
N VAL A 301 11.48 4.96 -17.90
CA VAL A 301 10.63 5.10 -16.71
C VAL A 301 9.53 4.06 -16.72
N CYS A 302 8.84 3.91 -17.86
CA CYS A 302 7.81 2.86 -17.96
C CYS A 302 8.40 1.48 -17.72
N SER A 303 9.57 1.21 -18.30
CA SER A 303 10.18 -0.11 -18.18
C SER A 303 10.44 -0.48 -16.72
N LEU A 304 11.10 0.42 -15.98
CA LEU A 304 11.49 0.10 -14.62
C LEU A 304 10.30 0.19 -13.67
N ALA A 305 9.41 1.16 -13.87
CA ALA A 305 8.18 1.22 -13.07
C ALA A 305 7.44 -0.11 -13.11
N ARG A 306 7.38 -0.74 -14.28
CA ARG A 306 6.62 -1.97 -14.43
C ARG A 306 7.20 -3.06 -13.54
N HIS A 307 8.49 -3.01 -13.29
CA HIS A 307 9.17 -4.05 -12.54
C HIS A 307 8.79 -4.05 -11.06
N LEU A 308 8.21 -2.96 -10.55
CA LEU A 308 7.90 -2.83 -9.13
C LEU A 308 6.80 -3.79 -8.70
N GLY A 309 5.87 -4.12 -9.59
CA GLY A 309 4.74 -4.97 -9.20
C GLY A 309 5.17 -6.33 -8.67
N GLY A 310 6.08 -7.01 -9.37
CA GLY A 310 6.55 -8.30 -8.93
C GLY A 310 7.32 -8.25 -7.62
N LEU A 311 8.02 -7.14 -7.35
CA LEU A 311 8.76 -7.07 -6.10
C LEU A 311 7.80 -6.93 -4.93
N PHE A 312 6.72 -6.18 -5.13
CA PHE A 312 5.72 -6.09 -4.08
C PHE A 312 5.05 -7.45 -3.82
N ASN A 313 4.76 -8.20 -4.90
CA ASN A 313 4.21 -9.53 -4.71
CA ASN A 313 4.24 -9.56 -4.77
C ASN A 313 5.20 -10.45 -3.97
N ASP A 314 6.51 -10.30 -4.22
CA ASP A 314 7.52 -11.01 -3.44
C ASP A 314 7.24 -10.81 -1.96
N ALA A 315 7.03 -9.57 -1.55
CA ALA A 315 6.83 -9.27 -0.14
C ALA A 315 5.52 -9.82 0.37
N VAL A 316 4.43 -9.67 -0.40
CA VAL A 316 3.14 -10.18 0.07
C VAL A 316 3.23 -11.68 0.33
N GLN A 317 3.80 -12.43 -0.63
CA GLN A 317 3.84 -13.87 -0.50
C GLN A 317 4.79 -14.31 0.59
N THR A 318 5.92 -13.62 0.73
CA THR A 318 6.86 -13.96 1.80
C THR A 318 6.19 -13.89 3.17
N ALA A 319 5.57 -12.75 3.50
CA ALA A 319 4.92 -12.60 4.80
C ALA A 319 3.84 -13.65 4.99
N SER A 320 3.13 -13.98 3.91
CA SER A 320 1.99 -14.88 3.96
C SER A 320 2.37 -16.27 4.45
N VAL A 321 3.60 -16.72 4.18
CA VAL A 321 3.95 -18.08 4.53
C VAL A 321 5.11 -18.14 5.54
N GLN A 322 5.31 -17.08 6.31
CA GLN A 322 6.23 -17.13 7.44
C GLN A 322 5.61 -17.96 8.56
N TRP A 323 6.14 -19.16 8.83
CA TRP A 323 5.59 -19.99 9.91
C TRP A 323 6.13 -19.60 11.27
N PHE A 324 5.23 -19.32 12.19
CA PHE A 324 5.53 -19.18 13.64
C PHE A 324 6.56 -18.06 13.84
N GLU A 325 7.61 -18.29 14.61
CA GLU A 325 8.53 -17.24 15.02
C GLU A 325 9.58 -16.89 13.98
N ARG A 326 9.63 -17.63 12.86
CA ARG A 326 10.33 -17.30 11.62
C ARG A 326 10.66 -18.56 10.82
N THR A 327 10.57 -18.49 9.49
CA THR A 327 11.15 -19.49 8.63
C THR A 327 12.14 -18.79 7.69
N LEU A 328 13.20 -19.49 7.31
CA LEU A 328 14.31 -18.84 6.62
C LEU A 328 14.11 -18.74 5.10
N ASP A 329 12.90 -19.02 4.60
CA ASP A 329 12.59 -18.74 3.20
C ASP A 329 12.36 -17.25 2.95
N ASP A 330 12.63 -16.41 3.94
CA ASP A 330 12.57 -14.97 3.71
C ASP A 330 13.92 -14.37 3.33
N SER A 331 15.02 -15.12 3.51
CA SER A 331 16.36 -14.52 3.46
CA SER A 331 16.36 -14.52 3.45
C SER A 331 16.79 -14.20 2.02
N ALA A 332 16.80 -15.20 1.15
CA ALA A 332 17.31 -14.97 -0.21
C ALA A 332 16.46 -13.95 -0.96
N ILE A 333 15.14 -14.09 -0.89
CA ILE A 333 14.31 -13.21 -1.70
C ILE A 333 14.37 -11.77 -1.20
N ARG A 334 14.45 -11.56 0.13
CA ARG A 334 14.50 -10.17 0.64
C ARG A 334 15.79 -9.50 0.21
N ARG A 335 16.78 -10.33 -0.09
CA ARG A 335 18.05 -9.88 -0.57
C ARG A 335 17.95 -9.34 -1.98
N ILE A 336 16.94 -9.78 -2.71
CA ILE A 336 16.65 -9.25 -4.05
C ILE A 336 15.64 -8.12 -3.98
N SER A 337 14.50 -8.37 -3.33
CA SER A 337 13.34 -7.52 -3.53
C SER A 337 13.50 -6.17 -2.85
N LEU A 338 14.02 -6.11 -1.62
CA LEU A 338 14.09 -4.84 -0.93
C LEU A 338 15.11 -3.91 -1.60
N PRO A 339 16.38 -4.31 -1.78
CA PRO A 339 17.29 -3.45 -2.55
C PRO A 339 16.80 -3.12 -3.96
N SER A 340 16.34 -4.11 -4.75
CA SER A 340 15.90 -3.82 -6.12
C SER A 340 14.81 -2.76 -6.15
N ALA A 341 13.87 -2.86 -5.21
CA ALA A 341 12.73 -1.94 -5.24
C ALA A 341 13.18 -0.52 -4.95
N PHE A 342 14.08 -0.33 -3.98
CA PHE A 342 14.52 1.04 -3.67
C PHE A 342 15.45 1.59 -4.73
N LEU A 343 16.33 0.74 -5.29
CA LEU A 343 17.14 1.16 -6.43
C LEU A 343 16.28 1.51 -7.65
N THR A 344 15.28 0.68 -7.95
CA THR A 344 14.40 1.00 -9.07
C THR A 344 13.70 2.34 -8.87
N VAL A 345 13.10 2.57 -7.70
CA VAL A 345 12.42 3.84 -7.50
C VAL A 345 13.42 5.00 -7.49
N ASP A 346 14.62 4.78 -6.97
CA ASP A 346 15.63 5.84 -7.02
C ASP A 346 15.98 6.22 -8.45
N ILE A 347 16.13 5.23 -9.33
CA ILE A 347 16.40 5.52 -10.74
C ILE A 347 15.22 6.22 -11.38
N LEU A 348 14.01 5.73 -11.10
CA LEU A 348 12.81 6.38 -11.60
C LEU A 348 12.77 7.87 -11.24
N LEU A 349 13.06 8.20 -9.97
CA LEU A 349 12.94 9.59 -9.54
C LEU A 349 14.03 10.46 -10.16
N SER A 350 15.27 9.95 -10.21
CA SER A 350 16.34 10.69 -10.86
C SER A 350 15.99 10.98 -12.30
N THR A 351 15.48 9.97 -13.01
CA THR A 351 15.14 10.12 -14.41
C THR A 351 13.98 11.11 -14.57
N MET A 352 12.98 10.99 -13.68
CA MET A 352 11.84 11.91 -13.75
C MET A 352 12.26 13.34 -13.40
N LEU A 353 13.25 13.50 -12.51
CA LEU A 353 13.77 14.84 -12.24
C LEU A 353 14.38 15.44 -13.49
N ASN A 354 15.19 14.65 -14.20
CA ASN A 354 15.81 15.10 -15.44
C ASN A 354 14.74 15.46 -16.47
N ILE A 355 13.74 14.59 -16.64
CA ILE A 355 12.69 14.86 -17.64
C ILE A 355 11.95 16.16 -17.32
N THR A 356 11.47 16.30 -16.09
CA THR A 356 10.59 17.41 -15.72
C THR A 356 11.34 18.72 -15.57
N SER A 357 12.66 18.70 -15.61
CA SER A 357 13.44 19.93 -15.49
C SER A 357 13.51 20.73 -16.78
N GLY A 358 13.16 20.15 -17.92
CA GLY A 358 13.31 20.89 -19.15
C GLY A 358 12.42 20.35 -20.26
N LEU A 359 11.18 20.02 -19.90
CA LEU A 359 10.24 19.60 -20.92
C LEU A 359 10.11 20.68 -21.98
N VAL A 360 10.02 20.28 -23.24
CA VAL A 360 10.01 21.19 -24.38
C VAL A 360 8.59 21.22 -24.95
N VAL A 361 7.95 22.39 -24.92
CA VAL A 361 6.55 22.54 -25.32
C VAL A 361 6.53 23.24 -26.67
N TYR A 362 5.68 22.77 -27.58
CA TYR A 362 5.55 23.39 -28.90
C TYR A 362 4.16 23.97 -29.08
N PRO A 363 3.95 25.23 -28.68
CA PRO A 363 2.59 25.81 -28.73
C PRO A 363 1.98 25.81 -30.11
N LYS A 364 2.77 25.99 -31.20
CA LYS A 364 2.12 26.08 -32.50
C LYS A 364 1.67 24.73 -33.04
N VAL A 365 2.32 23.65 -32.62
CA VAL A 365 1.80 22.31 -32.92
C VAL A 365 0.49 22.05 -32.16
N ILE A 366 0.52 22.32 -30.84
CA ILE A 366 -0.69 22.28 -30.01
C ILE A 366 -1.82 23.07 -30.64
N GLU A 367 -1.53 24.32 -31.04
CA GLU A 367 -2.56 25.17 -31.62
CA GLU A 367 -2.54 25.20 -31.64
C GLU A 367 -3.05 24.62 -32.95
N ARG A 368 -2.14 24.15 -33.79
CA ARG A 368 -2.56 23.56 -35.05
C ARG A 368 -3.50 22.37 -34.82
N ARG A 369 -3.17 21.52 -33.87
CA ARG A 369 -4.07 20.40 -33.57
C ARG A 369 -5.45 20.88 -33.10
N ILE A 370 -5.49 21.82 -32.17
CA ILE A 370 -6.78 22.37 -31.73
C ILE A 370 -7.58 22.92 -32.91
N ASN A 371 -6.95 23.73 -33.75
CA ASN A 371 -7.65 24.32 -34.89
C ASN A 371 -8.27 23.26 -35.79
N SER A 372 -7.59 22.13 -36.00
CA SER A 372 -8.17 21.10 -36.84
C SER A 372 -9.36 20.37 -36.20
N GLU A 373 -9.47 20.35 -34.86
CA GLU A 373 -10.52 19.59 -34.19
C GLU A 373 -11.64 20.44 -33.60
N LEU A 374 -11.32 21.66 -33.14
CA LEU A 374 -12.32 22.46 -32.42
C LEU A 374 -13.61 22.69 -33.19
N PRO A 375 -13.61 22.89 -34.52
CA PRO A 375 -14.89 23.16 -35.19
C PRO A 375 -15.91 22.06 -34.97
N PHE A 376 -15.50 20.80 -34.98
CA PHE A 376 -16.42 19.69 -34.73
C PHE A 376 -16.94 19.69 -33.30
N MET A 377 -16.21 20.31 -32.38
CA MET A 377 -16.63 20.35 -30.99
C MET A 377 -17.40 21.61 -30.66
N ALA A 378 -17.47 22.57 -31.58
CA ALA A 378 -18.07 23.88 -31.30
C ALA A 378 -19.50 24.01 -31.84
N THR A 379 -20.16 22.87 -32.11
CA THR A 379 -21.51 22.88 -32.69
C THR A 379 -22.46 23.71 -31.85
N GLU A 380 -22.47 23.46 -30.54
CA GLU A 380 -23.44 24.17 -29.71
C GLU A 380 -23.14 25.66 -29.69
N ASN A 381 -21.86 26.01 -29.72
CA ASN A 381 -21.48 27.42 -29.73
C ASN A 381 -21.96 28.13 -30.98
N ILE A 382 -21.80 27.48 -32.15
CA ILE A 382 -22.26 28.06 -33.40
C ILE A 382 -23.77 28.22 -33.37
N ILE A 383 -24.50 27.19 -32.89
CA ILE A 383 -25.96 27.29 -32.78
C ILE A 383 -26.38 28.43 -31.86
N MET A 384 -25.72 28.56 -30.72
CA MET A 384 -26.07 29.63 -29.80
C MET A 384 -25.79 30.99 -30.43
N ALA A 385 -24.70 31.10 -31.20
CA ALA A 385 -24.41 32.35 -31.92
C ALA A 385 -25.55 32.71 -32.86
N MET A 386 -26.08 31.72 -33.59
CA MET A 386 -27.22 32.02 -34.47
C MET A 386 -28.46 32.39 -33.67
N VAL A 387 -28.74 31.66 -32.58
CA VAL A 387 -29.91 31.96 -31.75
C VAL A 387 -29.83 33.40 -31.23
N GLU A 388 -28.63 33.85 -30.82
CA GLU A 388 -28.43 35.19 -30.27
C GLU A 388 -28.60 36.28 -31.32
N LYS A 389 -28.43 35.98 -32.62
CA LYS A 389 -28.86 36.92 -33.65
C LYS A 389 -30.37 36.92 -33.86
N GLY A 390 -31.10 35.95 -33.27
CA GLY A 390 -32.54 35.88 -33.42
C GLY A 390 -33.04 34.68 -34.19
N GLY A 391 -32.14 33.78 -34.61
CA GLY A 391 -32.49 32.66 -35.45
C GLY A 391 -32.97 31.45 -34.67
N SER A 392 -33.23 30.38 -35.42
CA SER A 392 -33.90 29.17 -34.93
C SER A 392 -32.88 28.12 -34.53
N ARG A 393 -32.98 27.63 -33.29
CA ARG A 393 -32.08 26.56 -32.85
C ARG A 393 -32.26 25.32 -33.74
N GLN A 394 -33.50 24.90 -33.99
CA GLN A 394 -33.76 23.71 -34.79
C GLN A 394 -33.19 23.83 -36.20
N ASP A 395 -33.54 24.93 -36.90
CA ASP A 395 -33.02 25.12 -38.25
C ASP A 395 -31.50 25.12 -38.24
N CYS A 396 -30.90 25.90 -37.33
CA CYS A 396 -29.43 25.99 -37.27
C CYS A 396 -28.80 24.64 -36.94
N HIS A 397 -29.45 23.86 -36.08
CA HIS A 397 -28.93 22.54 -35.77
C HIS A 397 -28.81 21.68 -37.04
N GLU A 398 -29.89 21.63 -37.82
CA GLU A 398 -29.87 20.83 -39.04
C GLU A 398 -28.86 21.37 -40.05
N GLU A 399 -28.79 22.69 -40.22
CA GLU A 399 -27.85 23.27 -41.17
C GLU A 399 -26.41 22.91 -40.82
N ILE A 400 -26.05 22.99 -39.54
CA ILE A 400 -24.66 22.69 -39.19
C ILE A 400 -24.40 21.18 -39.29
N ARG A 401 -25.43 20.36 -39.01
CA ARG A 401 -25.28 18.91 -39.14
C ARG A 401 -24.89 18.53 -40.56
N VAL A 402 -25.48 19.19 -41.56
CA VAL A 402 -25.16 18.91 -42.95
C VAL A 402 -23.69 19.27 -43.26
N LEU A 403 -23.28 20.46 -42.87
CA LEU A 403 -21.91 20.89 -43.15
C LEU A 403 -20.89 20.04 -42.37
N SER A 404 -21.22 19.65 -41.14
CA SER A 404 -20.31 18.84 -40.35
CA SER A 404 -20.30 18.85 -40.35
C SER A 404 -20.03 17.51 -41.04
N HIS A 405 -21.07 16.86 -41.56
CA HIS A 405 -20.86 15.59 -42.26
C HIS A 405 -20.05 15.78 -43.54
N GLN A 406 -20.24 16.89 -44.25
CA GLN A 406 -19.38 17.13 -45.41
C GLN A 406 -17.92 17.27 -45.00
N ALA A 407 -17.65 18.06 -43.96
CA ALA A 407 -16.28 18.30 -43.53
C ALA A 407 -15.66 17.03 -42.96
N SER A 408 -16.44 16.27 -42.19
CA SER A 408 -15.96 14.97 -41.72
C SER A 408 -15.52 14.09 -42.88
N ALA A 409 -16.30 14.06 -43.96
CA ALA A 409 -15.94 13.24 -45.11
C ALA A 409 -14.64 13.72 -45.76
N VAL A 410 -14.44 15.04 -45.80
CA VAL A 410 -13.20 15.60 -46.33
C VAL A 410 -12.01 15.10 -45.52
N VAL A 411 -12.12 15.18 -44.18
CA VAL A 411 -11.05 14.74 -43.29
C VAL A 411 -10.77 13.26 -43.48
N LYS A 412 -11.81 12.43 -43.41
CA LYS A 412 -11.53 11.00 -43.29
C LYS A 412 -11.46 10.29 -44.64
N GLN A 413 -12.36 10.64 -45.54
CA GLN A 413 -12.44 10.02 -46.85
C GLN A 413 -11.50 10.62 -47.87
N GLU A 414 -11.14 11.86 -47.68
CA GLU A 414 -10.25 12.54 -48.61
C GLU A 414 -8.88 12.86 -48.02
N GLY A 415 -8.68 12.76 -46.72
CA GLY A 415 -7.39 13.11 -46.16
C GLY A 415 -7.10 14.58 -46.23
N GLY A 416 -8.17 15.42 -46.34
CA GLY A 416 -8.01 16.85 -46.48
C GLY A 416 -8.08 17.59 -45.16
N ASP A 417 -7.61 18.82 -45.18
CA ASP A 417 -7.77 19.67 -44.02
C ASP A 417 -9.24 19.85 -43.68
N ASN A 418 -9.54 19.94 -42.40
CA ASN A 418 -10.90 20.21 -41.98
C ASN A 418 -11.34 21.56 -42.56
N ASP A 419 -12.44 21.58 -43.31
CA ASP A 419 -12.92 22.81 -43.92
C ASP A 419 -14.32 23.21 -43.42
N LEU A 420 -14.71 22.79 -42.22
CA LEU A 420 -16.05 23.11 -41.73
C LEU A 420 -16.28 24.62 -41.68
N ILE A 421 -15.30 25.38 -41.19
CA ILE A 421 -15.49 26.82 -41.05
C ILE A 421 -15.66 27.47 -42.42
N GLU A 422 -14.82 27.05 -43.37
CA GLU A 422 -14.97 27.52 -44.73
C GLU A 422 -16.34 27.14 -45.29
N ARG A 423 -16.82 25.93 -45.02
CA ARG A 423 -18.16 25.58 -45.50
C ARG A 423 -19.19 26.50 -44.89
N ILE A 424 -19.08 26.79 -43.60
CA ILE A 424 -20.04 27.70 -42.97
C ILE A 424 -20.02 29.07 -43.67
N LYS A 425 -18.82 29.63 -43.86
CA LYS A 425 -18.70 30.95 -44.49
C LYS A 425 -19.18 30.93 -45.94
N SER A 426 -19.36 29.75 -46.50
CA SER A 426 -19.76 29.57 -47.86
C SER A 426 -21.26 29.29 -47.99
N THR A 427 -21.99 29.28 -46.88
CA THR A 427 -23.40 28.88 -46.87
C THR A 427 -24.26 30.07 -46.47
N GLU A 428 -25.24 30.39 -47.34
CA GLU A 428 -26.01 31.62 -47.15
C GLU A 428 -26.79 31.61 -45.85
N TYR A 429 -27.28 30.43 -45.44
CA TYR A 429 -28.03 30.34 -44.19
C TYR A 429 -27.25 30.95 -43.03
N PHE A 430 -25.94 30.75 -43.00
CA PHE A 430 -25.10 31.15 -41.88
C PHE A 430 -24.62 32.59 -41.99
N LYS A 431 -25.03 33.30 -43.03
CA LYS A 431 -24.62 34.70 -43.19
C LYS A 431 -24.71 35.53 -41.91
N PRO A 432 -25.73 35.41 -41.05
CA PRO A 432 -25.73 36.26 -39.85
C PRO A 432 -24.52 36.06 -38.94
N ILE A 433 -23.85 34.91 -38.98
CA ILE A 433 -22.74 34.71 -38.05
C ILE A 433 -21.40 34.64 -38.77
N TRP A 434 -21.35 34.96 -40.07
CA TRP A 434 -20.10 34.84 -40.80
C TRP A 434 -18.98 35.60 -40.10
N ASN A 435 -19.24 36.85 -39.71
CA ASN A 435 -18.22 37.66 -39.08
C ASN A 435 -18.04 37.35 -37.60
N ASP A 436 -18.72 36.33 -37.07
CA ASP A 436 -18.54 35.95 -35.68
C ASP A 436 -17.67 34.72 -35.52
N LEU A 437 -17.42 34.00 -36.61
CA LEU A 437 -16.83 32.67 -36.53
C LEU A 437 -15.39 32.71 -35.99
N ASP A 438 -14.57 33.62 -36.52
CA ASP A 438 -13.15 33.66 -36.13
C ASP A 438 -13.01 33.83 -34.62
N THR A 439 -13.63 34.87 -34.08
CA THR A 439 -13.47 35.07 -32.65
C THR A 439 -14.28 34.08 -31.84
N LEU A 440 -15.34 33.50 -32.42
CA LEU A 440 -16.06 32.44 -31.72
C LEU A 440 -15.15 31.27 -31.41
N LEU A 441 -14.41 30.79 -32.43
CA LEU A 441 -13.56 29.60 -32.36
C LEU A 441 -12.23 29.87 -31.65
N ASP A 442 -12.28 30.67 -30.59
CA ASP A 442 -11.08 31.07 -29.87
C ASP A 442 -10.79 30.02 -28.81
N PRO A 443 -9.72 29.23 -28.93
CA PRO A 443 -9.49 28.15 -27.95
C PRO A 443 -9.45 28.63 -26.51
N LYS A 444 -9.02 29.88 -26.27
CA LYS A 444 -8.92 30.36 -24.89
C LYS A 444 -10.26 30.38 -24.18
N THR A 445 -11.36 30.42 -24.93
CA THR A 445 -12.69 30.46 -24.34
C THR A 445 -13.26 29.08 -24.08
N PHE A 446 -12.58 28.03 -24.51
CA PHE A 446 -13.07 26.67 -24.35
C PHE A 446 -12.41 25.92 -23.19
N VAL A 447 -11.46 26.53 -22.47
CA VAL A 447 -10.69 25.75 -21.49
C VAL A 447 -11.36 25.69 -20.12
N GLY A 448 -12.62 26.14 -20.02
CA GLY A 448 -13.29 26.07 -18.73
C GLY A 448 -12.48 26.74 -17.65
N ARG A 449 -12.35 26.06 -16.50
CA ARG A 449 -11.61 26.56 -15.35
C ARG A 449 -10.19 25.99 -15.27
N ALA A 450 -9.69 25.40 -16.34
CA ALA A 450 -8.36 24.76 -16.25
C ALA A 450 -7.26 25.70 -15.75
N PRO A 451 -7.14 26.95 -16.21
CA PRO A 451 -6.04 27.80 -15.66
C PRO A 451 -6.20 28.08 -14.18
N GLN A 452 -7.41 28.40 -13.73
CA GLN A 452 -7.61 28.71 -12.31
C GLN A 452 -7.43 27.47 -11.45
N GLN A 453 -7.89 26.31 -11.94
CA GLN A 453 -7.69 25.09 -11.20
C GLN A 453 -6.19 24.82 -10.99
N THR A 454 -5.41 25.01 -12.05
CA THR A 454 -3.98 24.80 -11.99
C THR A 454 -3.32 25.75 -10.99
N GLU A 455 -3.60 27.05 -11.11
CA GLU A 455 -2.94 28.01 -10.23
C GLU A 455 -3.25 27.72 -8.76
N LYS A 456 -4.54 27.49 -8.43
CA LYS A 456 -4.91 27.22 -7.04
C LYS A 456 -4.27 25.93 -6.55
N PHE A 457 -4.22 24.91 -7.41
CA PHE A 457 -3.64 23.64 -6.97
C PHE A 457 -2.16 23.81 -6.63
N VAL A 458 -1.41 24.50 -7.51
CA VAL A 458 0.01 24.70 -7.28
C VAL A 458 0.23 25.56 -6.05
N LYS A 459 -0.49 26.67 -5.94
CA LYS A 459 -0.17 27.63 -4.87
C LYS A 459 -0.77 27.23 -3.52
N ASN A 460 -1.68 26.24 -3.48
CA ASN A 460 -2.20 25.72 -2.22
C ASN A 460 -1.79 24.25 -2.00
N ASP A 461 -2.41 23.31 -2.70
CA ASP A 461 -2.13 21.90 -2.46
C ASP A 461 -0.63 21.58 -2.57
N VAL A 462 0.01 21.97 -3.66
CA VAL A 462 1.43 21.65 -3.82
C VAL A 462 2.26 22.41 -2.79
N ALA A 463 2.10 23.73 -2.71
CA ALA A 463 2.86 24.53 -1.74
C ALA A 463 2.75 23.97 -0.32
N ASN A 464 1.52 23.60 0.10
CA ASN A 464 1.34 23.08 1.44
C ASN A 464 2.01 21.73 1.62
N ALA A 465 1.94 20.87 0.60
CA ALA A 465 2.59 19.58 0.71
C ALA A 465 4.11 19.71 0.81
N LEU A 466 4.69 20.67 0.06
CA LEU A 466 6.14 20.78 0.03
C LEU A 466 6.71 21.56 1.21
N LYS A 467 5.89 22.39 1.87
CA LYS A 467 6.39 23.24 2.95
C LYS A 467 7.26 22.49 3.97
N PRO A 468 6.88 21.34 4.51
CA PRO A 468 7.77 20.68 5.49
C PRO A 468 9.09 20.25 4.91
N PHE A 469 9.26 20.26 3.58
CA PHE A 469 10.44 19.73 2.92
C PHE A 469 11.23 20.80 2.15
N GLU A 470 10.98 22.09 2.41
CA GLU A 470 11.67 23.19 1.72
C GLU A 470 13.19 23.00 1.67
N LYS A 471 13.78 22.59 2.79
CA LYS A 471 15.23 22.45 2.86
C LYS A 471 15.78 21.48 1.83
N TYR A 472 14.95 20.60 1.27
CA TYR A 472 15.44 19.62 0.30
C TYR A 472 15.35 20.10 -1.13
N ILE A 473 14.62 21.18 -1.38
CA ILE A 473 14.52 21.71 -2.73
C ILE A 473 15.85 22.29 -3.15
N THR A 474 16.35 21.84 -4.31
CA THR A 474 17.60 22.30 -4.90
C THR A 474 17.33 23.02 -6.22
N THR A 475 18.40 23.50 -6.85
CA THR A 475 18.37 24.05 -8.19
C THR A 475 19.38 23.32 -9.08
N GLU A 476 19.25 23.52 -10.39
CA GLU A 476 20.09 22.80 -11.35
C GLU A 476 21.25 23.66 -11.87
N MET B 1 -33.58 -15.93 -17.45
CA MET B 1 -33.09 -17.29 -17.50
C MET B 1 -32.48 -17.72 -16.14
N SER B 2 -32.37 -19.03 -15.93
CA SER B 2 -32.18 -19.58 -14.58
C SER B 2 -30.78 -19.33 -14.02
N GLU B 3 -30.74 -19.01 -12.72
CA GLU B 3 -29.45 -18.82 -12.06
C GLU B 3 -28.66 -20.10 -11.99
N TYR B 4 -29.32 -21.26 -11.93
CA TYR B 4 -28.65 -22.54 -11.97
C TYR B 4 -27.90 -22.79 -13.28
N ASP B 5 -28.20 -22.04 -14.34
CA ASP B 5 -27.59 -22.25 -15.65
C ASP B 5 -26.50 -21.24 -15.96
N LYS B 6 -26.11 -20.44 -14.98
CA LYS B 6 -25.07 -19.45 -15.16
C LYS B 6 -24.08 -19.46 -14.05
N TYR B 7 -22.82 -19.20 -14.37
CA TYR B 7 -21.82 -19.08 -13.34
C TYR B 7 -22.19 -17.96 -12.37
N SER B 8 -21.99 -18.19 -11.08
CA SER B 8 -22.08 -17.12 -10.09
C SER B 8 -20.85 -17.15 -9.18
N THR B 9 -20.31 -15.98 -8.91
CA THR B 9 -19.13 -15.90 -8.04
C THR B 9 -19.50 -16.14 -6.57
N PRO B 10 -18.56 -16.64 -5.74
CA PRO B 10 -18.87 -16.95 -4.34
C PRO B 10 -18.72 -15.78 -3.41
N LEU B 11 -17.90 -14.79 -3.79
CA LEU B 11 -17.79 -13.54 -3.06
C LEU B 11 -19.18 -12.97 -2.84
N SER B 12 -20.14 -13.55 -3.56
CA SER B 12 -21.45 -13.07 -3.78
C SER B 12 -22.48 -14.03 -3.19
N SER B 13 -22.43 -15.33 -3.52
CA SER B 13 -23.46 -16.28 -3.08
C SER B 13 -22.98 -17.14 -1.92
N ARG B 14 -21.91 -17.93 -2.10
CA ARG B 14 -21.66 -19.08 -1.22
C ARG B 14 -21.36 -18.68 0.23
N TYR B 15 -20.73 -17.53 0.44
CA TYR B 15 -20.35 -17.08 1.77
C TYR B 15 -21.17 -15.85 2.13
N ALA B 16 -21.67 -15.81 3.37
CA ALA B 16 -22.56 -14.75 3.82
C ALA B 16 -21.81 -13.43 3.84
N SER B 17 -22.27 -12.48 3.03
CA SER B 17 -21.71 -11.15 3.06
C SER B 17 -22.79 -10.19 2.59
N GLU B 18 -23.91 -10.21 3.30
CA GLU B 18 -25.13 -9.59 2.77
C GLU B 18 -24.99 -8.08 2.64
N GLU B 19 -24.48 -7.42 3.69
CA GLU B 19 -24.33 -5.97 3.66
C GLU B 19 -23.32 -5.54 2.60
N MET B 20 -22.15 -6.17 2.59
CA MET B 20 -21.11 -5.78 1.66
C MET B 20 -21.59 -6.00 0.22
N SER B 21 -22.25 -7.13 -0.02
CA SER B 21 -22.79 -7.43 -1.34
C SER B 21 -23.85 -6.41 -1.78
N LYS B 22 -24.64 -5.92 -0.85
CA LYS B 22 -25.61 -4.91 -1.16
C LYS B 22 -24.96 -3.59 -1.61
N ILE B 23 -23.86 -3.21 -1.02
CA ILE B 23 -23.20 -1.98 -1.42
C ILE B 23 -22.85 -2.04 -2.91
N PHE B 24 -22.48 -3.23 -3.40
CA PHE B 24 -22.08 -3.38 -4.80
C PHE B 24 -23.17 -4.00 -5.68
N SER B 25 -24.44 -3.96 -5.23
CA SER B 25 -25.57 -4.44 -6.01
C SER B 25 -26.03 -3.40 -7.03
N LEU B 26 -26.75 -3.86 -8.06
CA LEU B 26 -27.31 -2.93 -9.03
C LEU B 26 -28.31 -1.95 -8.41
N ARG B 27 -29.16 -2.43 -7.50
CA ARG B 27 -30.13 -1.51 -6.90
C ARG B 27 -29.42 -0.36 -6.19
N ASN B 28 -28.37 -0.67 -5.42
CA ASN B 28 -27.67 0.42 -4.75
C ASN B 28 -26.93 1.29 -5.75
N ARG B 29 -26.45 0.72 -6.86
CA ARG B 29 -25.79 1.53 -7.87
C ARG B 29 -26.76 2.60 -8.39
N PHE B 30 -27.91 2.16 -8.89
CA PHE B 30 -28.83 3.11 -9.52
C PHE B 30 -29.49 4.00 -8.48
N SER B 31 -29.73 3.49 -7.27
CA SER B 31 -30.28 4.34 -6.22
C SER B 31 -29.31 5.43 -5.82
N THR B 32 -28.01 5.12 -5.83
CA THR B 32 -27.03 6.12 -5.45
C THR B 32 -26.88 7.18 -6.53
N TRP B 33 -26.99 6.81 -7.82
CA TRP B 33 -27.05 7.82 -8.88
C TRP B 33 -28.20 8.81 -8.60
N ARG B 34 -29.36 8.30 -8.17
CA ARG B 34 -30.50 9.18 -7.91
C ARG B 34 -30.22 10.10 -6.71
N LYS B 35 -29.57 9.54 -5.69
CA LYS B 35 -29.18 10.37 -4.57
C LYS B 35 -28.22 11.48 -5.01
N LEU B 36 -27.34 11.16 -5.95
CA LEU B 36 -26.42 12.16 -6.48
C LEU B 36 -27.17 13.20 -7.32
N TRP B 37 -28.14 12.74 -8.12
CA TRP B 37 -28.94 13.68 -8.89
C TRP B 37 -29.75 14.58 -7.98
N LEU B 38 -30.34 14.01 -6.92
CA LEU B 38 -31.06 14.84 -5.96
C LEU B 38 -30.14 15.91 -5.41
N ASN B 39 -28.95 15.53 -4.97
CA ASN B 39 -28.13 16.52 -4.29
C ASN B 39 -27.45 17.47 -5.28
N LEU B 40 -27.22 17.05 -6.51
CA LEU B 40 -26.80 18.00 -7.55
C LEU B 40 -27.85 19.09 -7.74
N ALA B 41 -29.14 18.72 -7.75
CA ALA B 41 -30.19 19.73 -7.90
C ALA B 41 -30.29 20.61 -6.67
N ILE B 42 -30.17 20.02 -5.47
CA ILE B 42 -30.25 20.86 -4.28
C ILE B 42 -29.13 21.89 -4.31
N ALA B 43 -27.90 21.43 -4.55
CA ALA B 43 -26.75 22.33 -4.51
C ALA B 43 -26.83 23.37 -5.61
N GLU B 44 -27.18 22.95 -6.83
CA GLU B 44 -27.31 23.90 -7.94
C GLU B 44 -28.34 24.98 -7.61
N LYS B 45 -29.52 24.59 -7.11
CA LYS B 45 -30.51 25.59 -6.73
C LYS B 45 -29.94 26.56 -5.68
N GLU B 46 -29.33 26.02 -4.63
CA GLU B 46 -28.76 26.87 -3.57
C GLU B 46 -27.77 27.86 -4.13
N VAL B 47 -26.90 27.39 -5.05
CA VAL B 47 -25.82 28.25 -5.53
C VAL B 47 -26.36 29.28 -6.51
N GLY B 48 -27.47 28.98 -7.18
CA GLY B 48 -28.16 30.03 -7.90
C GLY B 48 -28.87 29.66 -9.19
N LEU B 49 -29.01 28.37 -9.50
CA LEU B 49 -29.66 27.96 -10.75
C LEU B 49 -31.14 27.90 -10.48
N SER B 50 -31.80 29.03 -10.67
CA SER B 50 -33.23 29.13 -10.38
C SER B 50 -34.09 28.28 -11.30
N VAL B 51 -33.55 27.66 -12.36
CA VAL B 51 -34.43 26.79 -13.15
C VAL B 51 -34.91 25.58 -12.34
N ILE B 52 -34.21 25.21 -11.26
CA ILE B 52 -34.56 24.08 -10.41
C ILE B 52 -35.68 24.46 -9.43
N THR B 53 -36.77 23.70 -9.43
CA THR B 53 -37.84 24.08 -8.52
C THR B 53 -37.74 23.22 -7.26
N ASP B 54 -38.21 23.77 -6.14
CA ASP B 54 -38.34 22.91 -4.96
C ASP B 54 -39.25 21.71 -5.21
N GLU B 55 -40.28 21.85 -6.06
CA GLU B 55 -41.18 20.73 -6.29
C GLU B 55 -40.45 19.58 -7.00
N ALA B 56 -39.57 19.89 -7.95
CA ALA B 56 -38.78 18.83 -8.57
C ALA B 56 -37.95 18.10 -7.52
N ILE B 57 -37.33 18.86 -6.62
CA ILE B 57 -36.49 18.29 -5.57
C ILE B 57 -37.33 17.39 -4.66
N GLU B 58 -38.53 17.85 -4.32
CA GLU B 58 -39.38 17.07 -3.42
C GLU B 58 -39.86 15.78 -4.09
N GLN B 59 -40.07 15.79 -5.40
CA GLN B 59 -40.42 14.54 -6.10
C GLN B 59 -39.27 13.56 -6.03
N MET B 60 -38.06 14.02 -6.39
CA MET B 60 -36.88 13.17 -6.39
C MET B 60 -36.66 12.59 -5.00
N LYS B 61 -37.00 13.36 -3.94
CA LYS B 61 -36.78 12.88 -2.57
C LYS B 61 -37.60 11.63 -2.27
N GLN B 62 -38.73 11.46 -2.91
CA GLN B 62 -39.60 10.31 -2.65
C GLN B 62 -39.27 9.12 -3.54
N HIS B 63 -38.24 9.18 -4.37
CA HIS B 63 -37.99 8.12 -5.35
C HIS B 63 -36.51 7.81 -5.45
N LEU B 64 -35.79 7.88 -4.34
CA LEU B 64 -34.36 7.62 -4.38
C LEU B 64 -34.05 6.13 -4.49
N GLU B 65 -34.98 5.26 -4.06
CA GLU B 65 -34.75 3.82 -3.96
C GLU B 65 -35.43 3.16 -5.17
N ILE B 66 -34.63 2.82 -6.18
CA ILE B 66 -35.18 2.39 -7.45
C ILE B 66 -35.89 1.05 -7.29
N THR B 67 -37.04 0.91 -7.94
CA THR B 67 -37.83 -0.30 -7.90
C THR B 67 -37.42 -1.26 -9.02
N ASP B 68 -37.82 -2.53 -8.86
CA ASP B 68 -37.57 -3.52 -9.91
C ASP B 68 -38.09 -3.03 -11.25
N LYS B 69 -39.33 -2.52 -11.29
CA LYS B 69 -39.91 -2.06 -12.54
C LYS B 69 -39.08 -0.93 -13.16
N GLU B 70 -38.59 0.00 -12.34
CA GLU B 70 -37.80 1.08 -12.93
C GLU B 70 -36.48 0.54 -13.47
N ILE B 71 -35.86 -0.42 -12.78
CA ILE B 71 -34.64 -1.05 -13.29
C ILE B 71 -34.92 -1.70 -14.64
N GLN B 72 -36.03 -2.45 -14.74
CA GLN B 72 -36.35 -3.10 -16.00
C GLN B 72 -36.64 -2.07 -17.09
N ASP B 73 -37.41 -1.02 -16.77
CA ASP B 73 -37.64 0.06 -17.73
C ASP B 73 -36.32 0.70 -18.17
N ALA B 74 -35.41 0.96 -17.21
CA ALA B 74 -34.12 1.53 -17.59
C ALA B 74 -33.33 0.56 -18.47
N ALA B 75 -33.54 -0.75 -18.27
CA ALA B 75 -32.85 -1.72 -19.13
C ALA B 75 -33.38 -1.65 -20.56
N VAL B 76 -34.68 -1.48 -20.71
CA VAL B 76 -35.25 -1.32 -22.06
C VAL B 76 -34.69 -0.06 -22.71
N GLU B 77 -34.68 1.04 -21.98
CA GLU B 77 -34.16 2.29 -22.53
C GLU B 77 -32.68 2.18 -22.87
N GLU B 78 -31.90 1.42 -22.07
CA GLU B 78 -30.47 1.33 -22.31
C GLU B 78 -30.16 0.61 -23.61
N ALA B 79 -30.83 -0.51 -23.86
CA ALA B 79 -30.58 -1.22 -25.11
C ALA B 79 -30.94 -0.36 -26.31
N LYS B 80 -31.81 0.63 -26.12
CA LYS B 80 -32.17 1.55 -27.20
C LYS B 80 -31.09 2.61 -27.41
N VAL B 81 -30.66 3.29 -26.33
CA VAL B 81 -29.72 4.41 -26.43
C VAL B 81 -28.28 4.02 -26.14
N ARG B 82 -28.03 2.79 -25.66
CA ARG B 82 -26.69 2.26 -25.40
C ARG B 82 -25.88 3.14 -24.46
N HIS B 83 -26.56 3.71 -23.46
CA HIS B 83 -25.88 4.45 -22.42
C HIS B 83 -26.67 4.23 -21.13
N ASP B 84 -26.05 3.57 -20.15
CA ASP B 84 -26.79 3.24 -18.93
C ASP B 84 -27.16 4.50 -18.14
N VAL B 85 -26.27 5.48 -18.05
CA VAL B 85 -26.59 6.71 -17.32
C VAL B 85 -27.77 7.40 -17.96
N MET B 86 -27.73 7.59 -19.28
CA MET B 86 -28.81 8.34 -19.92
C MET B 86 -30.14 7.59 -19.82
N ALA B 87 -30.11 6.25 -19.93
CA ALA B 87 -31.30 5.45 -19.67
C ALA B 87 -31.88 5.77 -18.28
N HIS B 88 -31.03 5.84 -17.25
CA HIS B 88 -31.54 6.08 -15.91
C HIS B 88 -31.97 7.53 -15.71
N VAL B 89 -31.33 8.47 -16.42
CA VAL B 89 -31.83 9.84 -16.45
C VAL B 89 -33.26 9.85 -16.99
N HIS B 90 -33.50 9.13 -18.08
CA HIS B 90 -34.82 9.09 -18.68
C HIS B 90 -35.84 8.51 -17.72
N VAL B 91 -35.56 7.32 -17.17
CA VAL B 91 -36.52 6.67 -16.28
C VAL B 91 -36.75 7.50 -15.03
N PHE B 92 -35.69 8.10 -14.47
CA PHE B 92 -35.88 8.90 -13.28
C PHE B 92 -36.79 10.09 -13.57
N GLY B 93 -36.65 10.65 -14.78
CA GLY B 93 -37.48 11.79 -15.16
C GLY B 93 -38.90 11.41 -15.47
N GLU B 94 -39.14 10.15 -15.88
CA GLU B 94 -40.49 9.63 -15.99
C GLU B 94 -41.13 9.48 -14.61
N THR B 95 -40.39 8.90 -13.67
CA THR B 95 -40.92 8.75 -12.32
C THR B 95 -41.17 10.10 -11.66
N CYS B 96 -40.32 11.10 -11.95
CA CYS B 96 -40.36 12.45 -11.37
C CYS B 96 -40.57 13.49 -12.46
N PRO B 97 -41.80 13.66 -12.95
CA PRO B 97 -42.01 14.52 -14.13
C PRO B 97 -41.66 15.97 -13.91
N SER B 98 -41.74 16.47 -12.65
CA SER B 98 -41.39 17.86 -12.35
C SER B 98 -39.88 18.07 -12.37
N ALA B 99 -39.11 16.99 -12.27
CA ALA B 99 -37.64 17.03 -12.28
C ALA B 99 -37.03 16.66 -13.63
N ALA B 100 -37.84 16.16 -14.59
CA ALA B 100 -37.28 15.69 -15.86
C ALA B 100 -36.43 16.76 -16.51
N GLY B 101 -36.83 18.02 -16.38
CA GLY B 101 -36.08 19.10 -17.00
C GLY B 101 -34.69 19.33 -16.44
N ILE B 102 -34.45 18.99 -15.16
CA ILE B 102 -33.22 19.41 -14.50
C ILE B 102 -32.36 18.26 -14.01
N ILE B 103 -32.84 17.01 -14.06
CA ILE B 103 -32.00 15.88 -13.69
C ILE B 103 -30.76 15.91 -14.55
N HIS B 104 -29.60 15.85 -13.89
CA HIS B 104 -28.27 15.74 -14.52
C HIS B 104 -27.84 17.07 -15.13
N LEU B 105 -28.54 18.18 -14.84
CA LEU B 105 -28.24 19.48 -15.47
C LEU B 105 -26.76 19.84 -15.32
N GLY B 106 -26.09 20.03 -16.46
CA GLY B 106 -24.69 20.41 -16.51
C GLY B 106 -23.69 19.29 -16.35
N ALA B 107 -24.12 18.12 -15.87
CA ALA B 107 -23.17 17.10 -15.46
C ALA B 107 -22.77 16.20 -16.64
N THR B 108 -21.66 15.51 -16.46
CA THR B 108 -21.27 14.44 -17.36
C THR B 108 -21.53 13.10 -16.67
N SER B 109 -21.47 12.04 -17.49
CA SER B 109 -21.74 10.68 -17.04
C SER B 109 -21.03 10.32 -15.73
N CYS B 110 -19.74 10.65 -15.62
CA CYS B 110 -18.97 10.27 -14.45
C CYS B 110 -19.41 11.01 -13.19
N PHE B 111 -20.20 12.06 -13.32
CA PHE B 111 -20.76 12.64 -12.12
C PHE B 111 -21.48 11.56 -11.29
N VAL B 112 -22.26 10.68 -11.92
CA VAL B 112 -22.95 9.70 -11.08
C VAL B 112 -22.13 8.42 -10.95
N THR B 113 -21.47 7.95 -12.01
CA THR B 113 -20.84 6.63 -11.92
C THR B 113 -19.60 6.66 -11.02
N ASP B 114 -18.81 7.73 -11.10
CA ASP B 114 -17.54 7.83 -10.39
C ASP B 114 -17.78 8.20 -8.94
N ASN B 115 -18.64 9.19 -8.70
CA ASN B 115 -18.91 9.55 -7.31
C ASN B 115 -19.58 8.40 -6.59
N ALA B 116 -20.46 7.66 -7.28
CA ALA B 116 -21.07 6.50 -6.62
C ALA B 116 -20.01 5.49 -6.21
N ASP B 117 -19.04 5.22 -7.10
CA ASP B 117 -17.99 4.26 -6.75
C ASP B 117 -17.20 4.72 -5.53
N LEU B 118 -16.86 6.01 -5.45
CA LEU B 118 -16.09 6.47 -4.29
C LEU B 118 -16.91 6.33 -3.01
N ILE B 119 -18.20 6.65 -3.09
CA ILE B 119 -19.09 6.41 -1.97
C ILE B 119 -19.04 4.94 -1.58
N PHE B 120 -19.12 4.04 -2.55
CA PHE B 120 -19.15 2.61 -2.22
C PHE B 120 -17.85 2.19 -1.54
N LEU B 121 -16.71 2.73 -2.00
CA LEU B 121 -15.42 2.37 -1.41
C LEU B 121 -15.36 2.76 0.05
N ARG B 122 -15.78 3.98 0.39
CA ARG B 122 -15.76 4.36 1.80
CA ARG B 122 -15.77 4.37 1.78
C ARG B 122 -16.80 3.58 2.58
N ASP B 123 -18.03 3.44 2.04
CA ASP B 123 -19.04 2.61 2.73
C ASP B 123 -18.53 1.20 2.96
N ALA B 124 -17.77 0.66 2.00
CA ALA B 124 -17.24 -0.69 2.16
C ALA B 124 -16.24 -0.74 3.30
N TYR B 125 -15.34 0.26 3.38
CA TYR B 125 -14.42 0.28 4.51
C TYR B 125 -15.16 0.35 5.84
N ASP B 126 -16.25 1.12 5.89
CA ASP B 126 -17.04 1.25 7.11
C ASP B 126 -17.76 -0.05 7.49
N VAL B 127 -17.85 -1.00 6.57
CA VAL B 127 -18.28 -2.35 6.95
C VAL B 127 -17.07 -3.16 7.44
N LEU B 128 -15.96 -3.09 6.73
CA LEU B 128 -14.78 -3.86 7.10
C LEU B 128 -14.25 -3.48 8.47
N ILE B 129 -14.15 -2.18 8.75
CA ILE B 129 -13.33 -1.75 9.89
C ILE B 129 -14.01 -2.19 11.19
N PRO B 130 -15.33 -2.11 11.33
CA PRO B 130 -15.90 -2.69 12.56
C PRO B 130 -15.61 -4.17 12.73
N LYS B 131 -15.49 -4.94 11.64
CA LYS B 131 -15.21 -6.37 11.79
C LYS B 131 -13.77 -6.59 12.26
N LEU B 132 -12.81 -5.93 11.61
CA LEU B 132 -11.42 -5.99 12.05
C LEU B 132 -11.28 -5.59 13.52
N VAL B 133 -11.98 -4.54 13.93
CA VAL B 133 -11.92 -4.13 15.34
C VAL B 133 -12.32 -5.28 16.25
N ASN B 134 -13.37 -6.00 15.88
CA ASN B 134 -13.83 -7.07 16.74
C ASN B 134 -12.89 -8.27 16.68
N VAL B 135 -12.27 -8.52 15.53
CA VAL B 135 -11.26 -9.57 15.48
C VAL B 135 -10.13 -9.24 16.46
N ILE B 136 -9.61 -8.01 16.39
CA ILE B 136 -8.57 -7.59 17.32
C ILE B 136 -9.04 -7.78 18.76
N ASP B 137 -10.28 -7.40 19.04
CA ASP B 137 -10.82 -7.51 20.39
C ASP B 137 -10.79 -8.96 20.90
N ARG B 138 -11.36 -9.90 20.11
CA ARG B 138 -11.45 -11.29 20.57
C ARG B 138 -10.08 -11.95 20.65
N LEU B 139 -9.18 -11.64 19.71
CA LEU B 139 -7.89 -12.29 19.75
C LEU B 139 -7.03 -11.77 20.90
N SER B 140 -7.13 -10.47 21.22
CA SER B 140 -6.32 -9.94 22.31
C SER B 140 -6.83 -10.44 23.65
N LYS B 141 -8.14 -10.64 23.77
CA LYS B 141 -8.65 -11.28 24.98
C LYS B 141 -8.08 -12.68 25.09
N PHE B 142 -8.06 -13.39 23.96
CA PHE B 142 -7.38 -14.69 23.89
C PHE B 142 -5.91 -14.58 24.31
N ALA B 143 -5.19 -13.62 23.71
CA ALA B 143 -3.77 -13.45 24.04
C ALA B 143 -3.57 -13.25 25.53
N LEU B 144 -4.38 -12.36 26.14
CA LEU B 144 -4.21 -12.11 27.57
C LEU B 144 -4.50 -13.36 28.40
N GLU B 145 -5.55 -14.10 28.04
CA GLU B 145 -5.94 -15.29 28.79
C GLU B 145 -4.82 -16.32 28.83
N TYR B 146 -4.03 -16.40 27.76
CA TYR B 146 -3.02 -17.43 27.58
C TYR B 146 -1.60 -16.88 27.67
N LYS B 147 -1.45 -15.66 28.20
CA LYS B 147 -0.15 -15.00 28.23
C LYS B 147 0.91 -15.81 28.97
N ASP B 148 0.49 -16.64 29.93
CA ASP B 148 1.42 -17.37 30.77
C ASP B 148 1.66 -18.80 30.31
N LEU B 149 0.91 -19.29 29.33
CA LEU B 149 0.98 -20.71 28.99
C LEU B 149 2.18 -21.01 28.10
N PRO B 150 3.21 -21.68 28.62
CA PRO B 150 4.42 -21.91 27.83
C PRO B 150 4.13 -22.83 26.64
N VAL B 151 4.79 -22.56 25.52
CA VAL B 151 4.57 -23.32 24.29
C VAL B 151 5.91 -23.41 23.55
N LEU B 152 6.13 -24.54 22.88
CA LEU B 152 7.36 -24.73 22.10
C LEU B 152 7.46 -23.68 21.00
N GLY B 153 8.56 -22.90 21.01
CA GLY B 153 8.81 -21.98 19.91
C GLY B 153 9.25 -22.73 18.67
N TRP B 154 9.06 -22.09 17.50
CA TRP B 154 9.39 -22.71 16.21
C TRP B 154 10.14 -21.71 15.33
N THR B 155 11.39 -22.05 14.97
CA THR B 155 12.10 -21.35 13.91
C THR B 155 12.58 -22.38 12.93
N HIS B 156 12.48 -22.05 11.63
CA HIS B 156 12.58 -23.04 10.57
C HIS B 156 11.58 -24.18 10.75
N PHE B 157 10.51 -23.98 11.54
CA PHE B 157 9.62 -25.05 12.02
C PHE B 157 10.43 -26.17 12.67
N GLN B 158 11.48 -25.77 13.40
CA GLN B 158 12.20 -26.69 14.26
C GLN B 158 12.14 -26.18 15.69
N PRO B 159 12.26 -27.08 16.68
CA PRO B 159 12.13 -26.66 18.07
C PRO B 159 13.02 -25.46 18.42
N ALA B 160 12.43 -24.49 19.09
CA ALA B 160 13.13 -23.25 19.43
C ALA B 160 12.70 -22.79 20.82
N GLN B 161 13.45 -21.82 21.36
CA GLN B 161 13.24 -21.36 22.73
C GLN B 161 11.78 -21.09 23.03
N LEU B 162 11.33 -21.56 24.19
CA LEU B 162 9.93 -21.46 24.58
C LEU B 162 9.40 -20.04 24.48
N THR B 163 8.18 -19.92 23.97
CA THR B 163 7.41 -18.69 24.13
C THR B 163 6.11 -19.03 24.88
N THR B 164 5.07 -18.21 24.77
CA THR B 164 3.79 -18.57 25.35
C THR B 164 2.70 -18.46 24.30
N VAL B 165 1.60 -19.16 24.55
CA VAL B 165 0.50 -19.15 23.59
C VAL B 165 0.02 -17.72 23.35
N GLY B 166 -0.20 -16.96 24.43
CA GLY B 166 -0.60 -15.57 24.28
C GLY B 166 0.42 -14.73 23.53
N LYS B 167 1.71 -14.93 23.82
CA LYS B 167 2.75 -14.15 23.15
C LYS B 167 2.71 -14.38 21.64
N ARG B 168 2.63 -15.65 21.22
CA ARG B 168 2.51 -15.91 19.79
C ARG B 168 1.31 -15.19 19.17
N ALA B 169 0.16 -15.19 19.87
CA ALA B 169 -1.00 -14.48 19.35
C ALA B 169 -0.77 -12.97 19.21
N THR B 170 0.16 -12.39 19.98
CA THR B 170 0.44 -10.97 19.77
C THR B 170 1.11 -10.72 18.43
N LEU B 171 1.80 -11.72 17.88
CA LEU B 171 2.36 -11.57 16.55
C LEU B 171 1.26 -11.29 15.55
N TRP B 172 0.21 -12.13 15.59
CA TRP B 172 -0.92 -11.92 14.69
C TRP B 172 -1.60 -10.60 15.01
N LEU B 173 -1.67 -10.28 16.30
CA LEU B 173 -2.31 -9.05 16.73
C LEU B 173 -1.56 -7.83 16.19
N GLN B 174 -0.23 -7.83 16.33
CA GLN B 174 0.53 -6.69 15.80
C GLN B 174 0.28 -6.48 14.31
N GLU B 175 0.23 -7.57 13.52
CA GLU B 175 -0.07 -7.40 12.09
C GLU B 175 -1.45 -6.78 11.89
N LEU B 176 -2.44 -7.22 12.67
CA LEU B 176 -3.79 -6.67 12.54
C LEU B 176 -3.86 -5.20 12.99
N LEU B 177 -3.02 -4.77 13.93
CA LEU B 177 -2.98 -3.35 14.28
C LEU B 177 -2.45 -2.55 13.11
N TRP B 178 -1.46 -3.07 12.39
CA TRP B 178 -1.03 -2.38 11.18
C TRP B 178 -2.13 -2.34 10.15
N ASP B 179 -2.96 -3.38 10.09
CA ASP B 179 -4.08 -3.38 9.15
C ASP B 179 -5.09 -2.31 9.54
N LEU B 180 -5.42 -2.20 10.83
CA LEU B 180 -6.31 -1.12 11.25
C LEU B 180 -5.73 0.24 10.86
N ARG B 181 -4.44 0.44 11.10
CA ARG B 181 -3.77 1.67 10.67
C ARG B 181 -3.93 1.90 9.17
N ASN B 182 -3.59 0.89 8.34
CA ASN B 182 -3.64 1.05 6.89
C ASN B 182 -5.07 1.31 6.40
N MET B 183 -6.03 0.58 6.96
CA MET B 183 -7.39 0.68 6.47
C MET B 183 -8.03 2.02 6.87
N VAL B 184 -7.77 2.44 8.10
CA VAL B 184 -8.30 3.73 8.55
C VAL B 184 -7.73 4.87 7.71
N ARG B 185 -6.42 4.81 7.43
CA ARG B 185 -5.84 5.83 6.55
C ARG B 185 -6.57 5.87 5.22
N ALA B 186 -6.70 4.70 4.58
CA ALA B 186 -7.28 4.69 3.24
C ALA B 186 -8.72 5.17 3.27
N ARG B 187 -9.48 4.73 4.27
CA ARG B 187 -10.87 5.14 4.42
C ARG B 187 -11.01 6.65 4.52
N ASN B 188 -10.21 7.28 5.36
CA ASN B 188 -10.30 8.71 5.58
C ASN B 188 -9.58 9.49 4.49
N ASP B 189 -8.79 8.82 3.66
CA ASP B 189 -8.19 9.51 2.50
C ASP B 189 -9.19 9.76 1.38
N ILE B 190 -10.25 8.96 1.30
CA ILE B 190 -11.15 9.00 0.15
C ILE B 190 -11.88 10.35 0.11
N GLY B 191 -11.86 10.99 -1.05
CA GLY B 191 -12.71 12.15 -1.33
C GLY B 191 -13.66 11.86 -2.47
N LEU B 192 -14.40 12.87 -2.89
CA LEU B 192 -15.27 12.71 -4.03
C LEU B 192 -14.77 13.49 -5.24
N ARG B 193 -15.11 12.96 -6.43
CA ARG B 193 -14.85 13.68 -7.67
C ARG B 193 -15.64 14.98 -7.75
N GLY B 194 -16.88 15.01 -7.23
CA GLY B 194 -17.68 16.22 -7.35
C GLY B 194 -18.10 16.47 -8.79
N VAL B 195 -18.32 17.75 -9.13
CA VAL B 195 -18.68 18.15 -10.49
C VAL B 195 -17.45 18.66 -11.22
N LYS B 196 -17.14 18.04 -12.35
CA LYS B 196 -15.89 18.28 -13.06
C LYS B 196 -16.06 18.39 -14.57
N GLY B 197 -17.19 17.98 -15.13
CA GLY B 197 -17.38 18.03 -16.58
C GLY B 197 -16.56 16.98 -17.29
N THR B 198 -16.56 17.10 -18.63
CA THR B 198 -16.11 15.97 -19.49
C THR B 198 -14.61 15.73 -19.41
N THR B 199 -13.81 16.77 -19.21
CA THR B 199 -12.37 16.57 -19.12
C THR B 199 -11.80 17.17 -17.85
N GLY B 200 -12.66 17.48 -16.87
CA GLY B 200 -12.20 18.00 -15.58
C GLY B 200 -12.15 19.52 -15.47
N THR B 201 -12.53 20.26 -16.52
CA THR B 201 -12.36 21.70 -16.57
C THR B 201 -13.59 22.44 -16.06
N GLN B 202 -14.69 21.72 -15.78
CA GLN B 202 -15.92 22.33 -15.31
C GLN B 202 -16.44 23.39 -16.27
N ALA B 203 -16.07 23.27 -17.56
CA ALA B 203 -16.53 24.26 -18.54
C ALA B 203 -18.06 24.40 -18.52
N SER B 204 -18.77 23.27 -18.49
CA SER B 204 -20.22 23.28 -18.53
C SER B 204 -20.81 24.09 -17.38
N PHE B 205 -20.38 23.80 -16.14
CA PHE B 205 -20.89 24.55 -14.99
C PHE B 205 -20.44 26.00 -15.03
N LEU B 206 -19.21 26.27 -15.51
CA LEU B 206 -18.79 27.67 -15.63
C LEU B 206 -19.75 28.44 -16.52
N SER B 207 -20.19 27.80 -17.61
CA SER B 207 -21.14 28.44 -18.50
C SER B 207 -22.49 28.66 -17.83
N LEU B 208 -22.95 27.67 -17.07
CA LEU B 208 -24.26 27.75 -16.44
C LEU B 208 -24.32 28.85 -15.40
N PHE B 209 -23.18 29.15 -14.79
CA PHE B 209 -23.10 30.28 -13.88
C PHE B 209 -22.51 31.52 -14.54
N HIS B 210 -22.56 31.59 -15.88
CA HIS B 210 -22.20 32.83 -16.62
C HIS B 210 -20.79 33.32 -16.29
N GLY B 211 -19.85 32.39 -16.18
CA GLY B 211 -18.46 32.74 -15.95
C GLY B 211 -18.08 32.98 -14.51
N ASP B 212 -18.95 32.67 -13.54
CA ASP B 212 -18.65 32.92 -12.14
C ASP B 212 -17.91 31.71 -11.56
N HIS B 213 -16.58 31.81 -11.47
CA HIS B 213 -15.77 30.73 -10.91
C HIS B 213 -16.14 30.43 -9.49
N ASP B 214 -16.47 31.47 -8.71
CA ASP B 214 -16.79 31.26 -7.30
C ASP B 214 -18.02 30.38 -7.14
N LYS B 215 -19.02 30.57 -8.01
CA LYS B 215 -20.21 29.72 -7.97
C LYS B 215 -19.86 28.28 -8.26
N VAL B 216 -19.02 28.05 -9.28
CA VAL B 216 -18.65 26.65 -9.58
C VAL B 216 -17.96 26.02 -8.39
N GLU B 217 -17.05 26.77 -7.75
CA GLU B 217 -16.36 26.22 -6.60
CA GLU B 217 -16.35 26.26 -6.58
C GLU B 217 -17.34 25.97 -5.45
N GLU B 218 -18.32 26.88 -5.26
CA GLU B 218 -19.31 26.68 -4.21
C GLU B 218 -20.14 25.42 -4.48
N LEU B 219 -20.54 25.21 -5.74
CA LEU B 219 -21.30 24.02 -6.11
C LEU B 219 -20.51 22.74 -5.85
N ASP B 220 -19.28 22.68 -6.35
CA ASP B 220 -18.44 21.49 -6.16
C ASP B 220 -18.32 21.14 -4.68
N LYS B 221 -18.05 22.13 -3.83
CA LYS B 221 -17.91 21.82 -2.42
C LYS B 221 -19.25 21.46 -1.78
N ARG B 222 -20.34 22.13 -2.19
CA ARG B 222 -21.63 21.88 -1.56
C ARG B 222 -22.16 20.49 -1.90
N VAL B 223 -22.08 20.07 -3.16
CA VAL B 223 -22.62 18.77 -3.49
CA VAL B 223 -22.55 18.75 -3.57
C VAL B 223 -21.85 17.68 -2.74
N VAL B 224 -20.52 17.80 -2.62
CA VAL B 224 -19.74 16.83 -1.87
C VAL B 224 -20.09 16.86 -0.40
N GLU B 225 -20.28 18.05 0.16
CA GLU B 225 -20.69 18.18 1.55
C GLU B 225 -22.04 17.50 1.79
N LEU B 226 -23.00 17.72 0.88
CA LEU B 226 -24.32 17.10 1.02
C LEU B 226 -24.23 15.59 1.01
N LEU B 227 -23.25 15.01 0.30
CA LEU B 227 -23.09 13.57 0.32
C LEU B 227 -22.30 13.06 1.53
N GLY B 228 -21.92 13.94 2.45
CA GLY B 228 -21.23 13.53 3.66
C GLY B 228 -19.72 13.37 3.55
N PHE B 229 -19.08 14.00 2.56
CA PHE B 229 -17.63 13.92 2.37
C PHE B 229 -16.99 15.28 2.61
N ASP B 230 -15.82 15.26 3.24
CA ASP B 230 -15.03 16.45 3.55
C ASP B 230 -14.10 16.86 2.41
N ILE B 231 -13.71 15.91 1.57
CA ILE B 231 -12.68 16.11 0.57
C ILE B 231 -13.30 16.08 -0.81
N VAL B 232 -13.03 17.11 -1.63
CA VAL B 232 -13.32 17.08 -3.05
C VAL B 232 -12.00 17.25 -3.81
N TYR B 233 -11.76 16.36 -4.76
CA TYR B 233 -10.52 16.42 -5.54
C TYR B 233 -10.52 17.70 -6.37
N PRO B 234 -9.56 18.60 -6.20
CA PRO B 234 -9.58 19.84 -6.99
C PRO B 234 -9.20 19.65 -8.46
N VAL B 235 -8.30 18.71 -8.79
CA VAL B 235 -7.81 18.56 -10.16
C VAL B 235 -8.00 17.12 -10.62
N THR B 236 -8.82 16.95 -11.66
CA THR B 236 -9.10 15.66 -12.27
C THR B 236 -9.17 15.87 -13.78
N GLY B 237 -9.11 14.76 -14.51
CA GLY B 237 -9.60 14.78 -15.86
C GLY B 237 -11.06 14.44 -15.80
N GLN B 238 -11.52 13.54 -16.68
CA GLN B 238 -12.92 13.13 -16.66
C GLN B 238 -13.30 12.42 -15.36
N THR B 239 -12.36 11.66 -14.77
CA THR B 239 -12.58 10.68 -13.71
C THR B 239 -11.72 11.02 -12.51
N TYR B 240 -12.09 10.48 -11.35
CA TYR B 240 -11.12 10.47 -10.28
C TYR B 240 -9.95 9.61 -10.72
N SER B 241 -8.75 10.00 -10.31
CA SER B 241 -7.54 9.26 -10.66
C SER B 241 -7.66 7.80 -10.23
N ARG B 242 -7.43 6.87 -11.15
CA ARG B 242 -7.43 5.45 -10.78
C ARG B 242 -6.26 5.08 -9.89
N LYS B 243 -5.27 5.97 -9.70
CA LYS B 243 -4.30 5.72 -8.64
C LYS B 243 -4.99 5.59 -7.27
N ILE B 244 -6.18 6.18 -7.10
CA ILE B 244 -6.91 6.07 -5.84
C ILE B 244 -7.35 4.62 -5.60
N ASP B 245 -7.68 3.88 -6.67
CA ASP B 245 -8.02 2.48 -6.52
C ASP B 245 -6.83 1.68 -6.00
N ILE B 246 -5.61 2.04 -6.39
CA ILE B 246 -4.42 1.38 -5.84
C ILE B 246 -4.32 1.60 -4.32
N ASP B 247 -4.40 2.87 -3.90
CA ASP B 247 -4.20 3.17 -2.48
C ASP B 247 -5.40 2.75 -1.63
N VAL B 248 -6.59 2.59 -2.24
CA VAL B 248 -7.70 1.99 -1.53
C VAL B 248 -7.51 0.49 -1.38
N LEU B 249 -6.86 -0.14 -2.36
CA LEU B 249 -6.70 -1.59 -2.29
C LEU B 249 -5.43 -2.02 -1.57
N SER B 250 -4.40 -1.18 -1.51
CA SER B 250 -3.18 -1.65 -0.86
C SER B 250 -3.39 -2.12 0.58
N PRO B 251 -4.25 -1.50 1.41
CA PRO B 251 -4.47 -2.09 2.74
C PRO B 251 -5.11 -3.46 2.66
N LEU B 252 -5.89 -3.73 1.59
CA LEU B 252 -6.50 -5.05 1.48
C LEU B 252 -5.47 -6.09 1.08
N ALA B 253 -4.56 -5.72 0.17
CA ALA B 253 -3.49 -6.63 -0.22
C ALA B 253 -2.59 -6.94 0.96
N SER B 254 -2.24 -5.91 1.75
CA SER B 254 -1.41 -6.14 2.93
C SER B 254 -2.14 -7.02 3.94
N PHE B 255 -3.44 -6.75 4.17
CA PHE B 255 -4.20 -7.58 5.10
C PHE B 255 -4.23 -9.04 4.68
N GLY B 256 -4.28 -9.28 3.38
CA GLY B 256 -4.26 -10.68 2.92
C GLY B 256 -3.10 -11.46 3.50
N ALA B 257 -1.90 -10.84 3.55
CA ALA B 257 -0.74 -11.51 4.16
C ALA B 257 -0.94 -11.75 5.66
N THR B 258 -1.54 -10.79 6.35
CA THR B 258 -1.88 -11.02 7.75
C THR B 258 -2.74 -12.26 7.92
N ALA B 259 -3.84 -12.32 7.15
CA ALA B 259 -4.79 -13.40 7.29
C ALA B 259 -4.15 -14.74 6.90
N HIS B 260 -3.35 -14.75 5.85
CA HIS B 260 -2.76 -16.00 5.38
C HIS B 260 -1.75 -16.53 6.39
N LYS B 261 -0.97 -15.64 7.00
CA LYS B 261 0.02 -16.11 7.98
C LYS B 261 -0.68 -16.60 9.25
N PHE B 262 -1.65 -15.84 9.76
CA PHE B 262 -2.44 -16.30 10.90
C PHE B 262 -3.04 -17.68 10.62
N ALA B 263 -3.71 -17.82 9.48
CA ALA B 263 -4.42 -19.05 9.20
C ALA B 263 -3.46 -20.19 8.95
N THR B 264 -2.32 -19.92 8.29
CA THR B 264 -1.35 -20.99 8.11
C THR B 264 -0.86 -21.48 9.48
N ASP B 265 -0.51 -20.54 10.37
CA ASP B 265 -0.01 -20.88 11.70
C ASP B 265 -1.02 -21.75 12.44
N ILE B 266 -2.30 -21.39 12.38
CA ILE B 266 -3.31 -22.16 13.11
C ILE B 266 -3.43 -23.54 12.49
N ARG B 267 -3.33 -23.63 11.15
CA ARG B 267 -3.41 -24.94 10.50
C ARG B 267 -2.27 -25.83 10.96
N LEU B 268 -1.09 -25.27 11.18
CA LEU B 268 0.03 -26.06 11.71
C LEU B 268 -0.22 -26.44 13.17
N LEU B 269 -0.71 -25.48 13.96
CA LEU B 269 -1.03 -25.82 15.35
C LEU B 269 -2.13 -26.87 15.42
N ALA B 270 -3.03 -26.90 14.44
CA ALA B 270 -4.03 -27.95 14.43
C ALA B 270 -3.38 -29.31 14.16
N ASN B 271 -2.44 -29.35 13.20
CA ASN B 271 -1.68 -30.58 12.98
C ASN B 271 -1.00 -31.05 14.26
N LEU B 272 -0.36 -30.12 14.97
CA LEU B 272 0.31 -30.42 16.23
C LEU B 272 -0.64 -30.77 17.36
N LYS B 273 -1.95 -30.64 17.13
CA LYS B 273 -3.00 -30.85 18.12
C LYS B 273 -2.94 -29.84 19.26
N GLU B 274 -2.27 -28.70 19.10
CA GLU B 274 -2.18 -27.78 20.22
C GLU B 274 -3.35 -26.82 20.26
N ILE B 275 -3.83 -26.37 19.10
CA ILE B 275 -4.92 -25.41 19.00
C ILE B 275 -5.81 -25.84 17.84
N GLU B 276 -7.13 -25.84 18.06
CA GLU B 276 -8.11 -26.15 17.01
C GLU B 276 -9.11 -25.02 16.85
N GLU B 277 -9.75 -25.01 15.68
CA GLU B 277 -10.85 -24.11 15.39
C GLU B 277 -12.04 -24.39 16.31
N PRO B 278 -12.91 -23.40 16.50
CA PRO B 278 -14.02 -23.56 17.45
C PRO B 278 -14.94 -24.73 17.09
N PHE B 279 -15.50 -25.34 18.14
CA PHE B 279 -16.55 -26.34 17.94
C PHE B 279 -17.78 -25.69 17.35
N GLU B 280 -18.44 -26.39 16.42
CA GLU B 280 -19.51 -25.82 15.60
C GLU B 280 -20.60 -26.86 15.39
N LYS B 281 -21.77 -26.61 15.98
CA LYS B 281 -22.97 -27.43 15.76
C LYS B 281 -24.15 -26.83 16.49
N MET B 289 -17.69 -35.10 20.00
CA MET B 289 -16.36 -34.49 20.02
C MET B 289 -15.37 -35.37 19.25
N ALA B 290 -15.15 -35.02 17.99
CA ALA B 290 -14.34 -35.86 17.10
C ALA B 290 -12.85 -35.78 17.46
N TYR B 291 -12.17 -36.92 17.31
CA TYR B 291 -10.72 -36.97 17.49
C TYR B 291 -10.01 -36.15 16.41
N LYS B 292 -10.23 -36.48 15.15
CA LYS B 292 -9.57 -35.81 14.04
C LYS B 292 -10.50 -34.72 13.50
N ARG B 293 -9.99 -33.49 13.44
CA ARG B 293 -10.80 -32.36 12.99
C ARG B 293 -10.00 -31.56 11.97
N ASN B 294 -10.71 -30.96 11.01
CA ASN B 294 -9.97 -30.23 10.00
C ASN B 294 -10.07 -28.73 10.25
N PRO B 295 -8.97 -27.98 10.15
CA PRO B 295 -9.08 -26.51 10.27
C PRO B 295 -9.59 -25.87 8.99
N MET B 296 -10.86 -26.18 8.66
CA MET B 296 -11.45 -25.80 7.37
C MET B 296 -11.69 -24.30 7.25
N ARG B 297 -11.99 -23.61 8.35
CA ARG B 297 -12.13 -22.16 8.22
C ARG B 297 -10.78 -21.53 7.87
N CYS B 298 -9.70 -21.99 8.50
CA CYS B 298 -8.39 -21.41 8.21
C CYS B 298 -7.95 -21.72 6.78
N GLU B 299 -8.29 -22.90 6.28
CA GLU B 299 -7.95 -23.22 4.89
C GLU B 299 -8.70 -22.30 3.95
N ARG B 300 -9.94 -21.99 4.28
CA ARG B 300 -10.66 -21.04 3.45
C ARG B 300 -10.04 -19.64 3.53
N VAL B 301 -9.62 -19.21 4.73
CA VAL B 301 -8.97 -17.91 4.87
C VAL B 301 -7.71 -17.84 4.00
N CYS B 302 -6.89 -18.89 4.04
CA CYS B 302 -5.72 -18.90 3.15
C CYS B 302 -6.15 -18.79 1.70
N SER B 303 -7.19 -19.54 1.32
CA SER B 303 -7.62 -19.59 -0.08
C SER B 303 -8.02 -18.21 -0.56
N LEU B 304 -8.88 -17.52 0.19
CA LEU B 304 -9.38 -16.23 -0.28
C LEU B 304 -8.34 -15.13 -0.15
N ALA B 305 -7.53 -15.17 0.92
CA ALA B 305 -6.50 -14.16 1.11
C ALA B 305 -5.56 -14.14 -0.09
N ARG B 306 -5.23 -15.32 -0.62
CA ARG B 306 -4.29 -15.44 -1.73
C ARG B 306 -4.80 -14.74 -2.99
N HIS B 307 -6.12 -14.61 -3.13
CA HIS B 307 -6.75 -14.00 -4.30
C HIS B 307 -6.57 -12.48 -4.36
N LEU B 308 -6.25 -11.84 -3.24
CA LEU B 308 -6.19 -10.37 -3.22
C LEU B 308 -5.00 -9.81 -3.99
N GLY B 309 -3.88 -10.54 -4.07
CA GLY B 309 -2.72 -10.01 -4.76
C GLY B 309 -3.01 -9.66 -6.21
N GLY B 310 -3.71 -10.54 -6.94
CA GLY B 310 -4.01 -10.26 -8.33
C GLY B 310 -4.94 -9.07 -8.51
N LEU B 311 -5.89 -8.89 -7.58
CA LEU B 311 -6.77 -7.74 -7.66
C LEU B 311 -6.01 -6.44 -7.45
N PHE B 312 -5.07 -6.42 -6.50
CA PHE B 312 -4.22 -5.24 -6.35
C PHE B 312 -3.43 -4.98 -7.65
N ASN B 313 -2.93 -6.04 -8.29
CA ASN B 313 -2.21 -5.82 -9.55
C ASN B 313 -3.14 -5.31 -10.66
N ASP B 314 -4.40 -5.79 -10.69
CA ASP B 314 -5.41 -5.18 -11.57
C ASP B 314 -5.39 -3.67 -11.43
N ALA B 315 -5.41 -3.17 -10.20
CA ALA B 315 -5.48 -1.72 -9.99
C ALA B 315 -4.18 -1.04 -10.40
N VAL B 316 -3.03 -1.62 -10.06
CA VAL B 316 -1.76 -0.99 -10.39
C VAL B 316 -1.61 -0.85 -11.90
N GLN B 317 -1.92 -1.92 -12.62
CA GLN B 317 -1.79 -1.91 -14.08
CA GLN B 317 -1.78 -1.90 -14.07
C GLN B 317 -2.80 -0.98 -14.73
N THR B 318 -4.02 -0.92 -14.19
CA THR B 318 -5.02 -0.03 -14.77
C THR B 318 -4.58 1.43 -14.73
N ALA B 319 -4.20 1.91 -13.55
CA ALA B 319 -3.80 3.30 -13.40
C ALA B 319 -2.60 3.61 -14.30
N SER B 320 -1.67 2.65 -14.41
CA SER B 320 -0.42 2.82 -15.15
C SER B 320 -0.65 3.17 -16.62
N VAL B 321 -1.78 2.76 -17.20
CA VAL B 321 -1.96 2.98 -18.64
C VAL B 321 -3.23 3.76 -18.96
N GLN B 322 -3.78 4.49 -17.97
CA GLN B 322 -4.84 5.49 -18.23
C GLN B 322 -4.24 6.65 -19.03
N TRP B 323 -4.60 6.78 -20.31
CA TRP B 323 -4.03 7.84 -21.13
C TRP B 323 -4.79 9.16 -20.90
N PHE B 324 -4.04 10.22 -20.60
CA PHE B 324 -4.59 11.60 -20.59
C PHE B 324 -5.78 11.72 -19.64
N GLU B 325 -6.91 12.27 -20.09
CA GLU B 325 -7.99 12.61 -19.19
C GLU B 325 -8.94 11.43 -18.95
N ARG B 326 -8.69 10.30 -19.61
CA ARG B 326 -9.06 8.93 -19.24
C ARG B 326 -9.26 8.08 -20.48
N THR B 327 -9.11 6.77 -20.30
CA THR B 327 -9.44 5.81 -21.32
C THR B 327 -10.39 4.81 -20.69
N LEU B 328 -11.23 4.18 -21.50
CA LEU B 328 -12.31 3.36 -20.96
C LEU B 328 -11.86 1.95 -20.63
N ASP B 329 -10.55 1.66 -20.76
CA ASP B 329 -10.07 0.33 -20.37
C ASP B 329 -10.01 0.17 -18.84
N ASP B 330 -10.48 1.15 -18.08
CA ASP B 330 -10.65 0.97 -16.63
C ASP B 330 -12.00 0.38 -16.26
N SER B 331 -12.96 0.42 -17.18
CA SER B 331 -14.36 0.27 -16.78
C SER B 331 -14.72 -1.17 -16.43
N ALA B 332 -14.47 -2.11 -17.35
CA ALA B 332 -14.83 -3.51 -17.09
C ALA B 332 -14.05 -4.08 -15.89
N ILE B 333 -12.75 -3.82 -15.83
CA ILE B 333 -11.97 -4.46 -14.80
C ILE B 333 -12.34 -3.94 -13.42
N ARG B 334 -12.63 -2.64 -13.30
CA ARG B 334 -13.02 -2.07 -12.02
C ARG B 334 -14.33 -2.67 -11.51
N ARG B 335 -15.19 -3.12 -12.38
CA ARG B 335 -16.44 -3.76 -11.98
C ARG B 335 -16.22 -5.13 -11.39
N ILE B 336 -15.03 -5.64 -11.59
CA ILE B 336 -14.61 -6.91 -11.00
C ILE B 336 -13.74 -6.67 -9.80
N SER B 337 -12.66 -5.90 -9.97
CA SER B 337 -11.61 -5.86 -8.96
C SER B 337 -12.09 -5.15 -7.68
N LEU B 338 -12.77 -4.02 -7.80
CA LEU B 338 -13.17 -3.29 -6.60
C LEU B 338 -14.19 -4.07 -5.75
N PRO B 339 -15.33 -4.52 -6.28
CA PRO B 339 -16.25 -5.32 -5.44
C PRO B 339 -15.59 -6.60 -4.92
N SER B 340 -14.83 -7.29 -5.77
CA SER B 340 -14.24 -8.56 -5.37
C SER B 340 -13.31 -8.39 -4.20
N ALA B 341 -12.53 -7.30 -4.20
CA ALA B 341 -11.54 -7.14 -3.15
C ALA B 341 -12.22 -6.92 -1.81
N PHE B 342 -13.24 -6.07 -1.79
CA PHE B 342 -13.93 -5.76 -0.53
C PHE B 342 -14.80 -6.93 -0.08
N LEU B 343 -15.40 -7.65 -1.02
CA LEU B 343 -16.15 -8.82 -0.62
C LEU B 343 -15.24 -9.90 -0.07
N THR B 344 -14.07 -10.07 -0.68
CA THR B 344 -13.08 -11.03 -0.19
C THR B 344 -12.66 -10.69 1.23
N VAL B 345 -12.30 -9.42 1.47
CA VAL B 345 -11.86 -9.08 2.82
C VAL B 345 -13.02 -9.15 3.80
N ASP B 346 -14.23 -8.84 3.35
CA ASP B 346 -15.38 -8.99 4.23
C ASP B 346 -15.51 -10.44 4.67
N ILE B 347 -15.38 -11.38 3.73
CA ILE B 347 -15.51 -12.79 4.10
C ILE B 347 -14.36 -13.19 5.00
N LEU B 348 -13.15 -12.73 4.69
CA LEU B 348 -12.00 -13.05 5.53
C LEU B 348 -12.23 -12.61 6.97
N LEU B 349 -12.63 -11.36 7.16
CA LEU B 349 -12.76 -10.83 8.51
C LEU B 349 -13.86 -11.55 9.28
N SER B 350 -15.00 -11.79 8.64
CA SER B 350 -16.07 -12.52 9.32
CA SER B 350 -16.08 -12.53 9.28
C SER B 350 -15.64 -13.92 9.70
N THR B 351 -14.83 -14.57 8.85
CA THR B 351 -14.38 -15.93 9.16
C THR B 351 -13.37 -15.91 10.28
N MET B 352 -12.41 -14.99 10.21
CA MET B 352 -11.43 -14.82 11.29
C MET B 352 -12.13 -14.47 12.60
N LEU B 353 -13.18 -13.66 12.54
CA LEU B 353 -13.96 -13.41 13.75
C LEU B 353 -14.54 -14.70 14.30
N ASN B 354 -15.06 -15.56 13.43
CA ASN B 354 -15.58 -16.85 13.89
CA ASN B 354 -15.58 -16.85 13.90
C ASN B 354 -14.47 -17.71 14.49
N ILE B 355 -13.30 -17.73 13.84
CA ILE B 355 -12.18 -18.51 14.37
C ILE B 355 -11.69 -17.93 15.69
N THR B 356 -11.39 -16.63 15.74
CA THR B 356 -10.81 -16.09 16.97
C THR B 356 -11.79 -16.06 18.13
N SER B 357 -13.09 -16.26 17.91
CA SER B 357 -14.03 -16.22 19.02
C SER B 357 -13.98 -17.49 19.87
N GLY B 358 -13.53 -18.61 19.33
CA GLY B 358 -13.56 -19.83 20.10
C GLY B 358 -12.41 -20.79 19.86
N LEU B 359 -11.20 -20.26 19.66
CA LEU B 359 -10.03 -21.14 19.55
C LEU B 359 -9.98 -22.12 20.72
N VAL B 360 -9.74 -23.41 20.42
CA VAL B 360 -9.68 -24.45 21.45
C VAL B 360 -8.22 -24.80 21.69
N VAL B 361 -7.78 -24.72 22.94
CA VAL B 361 -6.38 -24.95 23.32
C VAL B 361 -6.29 -26.25 24.11
N TYR B 362 -5.25 -27.04 23.85
CA TYR B 362 -5.01 -28.31 24.54
C TYR B 362 -3.69 -28.21 25.29
N PRO B 363 -3.71 -27.65 26.52
CA PRO B 363 -2.45 -27.34 27.23
C PRO B 363 -1.59 -28.55 27.48
N LYS B 364 -2.25 -29.71 27.54
CA LYS B 364 -1.61 -31.01 27.75
C LYS B 364 -0.81 -31.51 26.57
N VAL B 365 -1.38 -31.34 25.38
CA VAL B 365 -0.64 -31.63 24.18
C VAL B 365 0.56 -30.71 24.11
N ILE B 366 0.32 -29.42 24.41
CA ILE B 366 1.40 -28.44 24.45
C ILE B 366 2.49 -28.89 25.41
N GLU B 367 2.09 -29.37 26.59
CA GLU B 367 3.05 -29.76 27.61
C GLU B 367 3.78 -31.05 27.23
N ARG B 368 3.07 -32.00 26.62
CA ARG B 368 3.72 -33.20 26.12
C ARG B 368 4.82 -32.85 25.14
N ARG B 369 4.54 -31.93 24.19
CA ARG B 369 5.53 -31.59 23.18
C ARG B 369 6.74 -30.90 23.79
N ILE B 370 6.49 -29.97 24.71
CA ILE B 370 7.59 -29.29 25.40
C ILE B 370 8.47 -30.32 26.11
N ASN B 371 7.86 -31.22 26.89
CA ASN B 371 8.63 -32.25 27.59
C ASN B 371 9.55 -33.01 26.64
N SER B 372 9.08 -33.32 25.42
CA SER B 372 9.87 -34.12 24.49
CA SER B 372 9.87 -34.12 24.48
C SER B 372 11.05 -33.33 23.91
N GLU B 373 10.91 -32.00 23.79
CA GLU B 373 11.95 -31.20 23.15
C GLU B 373 12.85 -30.46 24.12
N LEU B 374 12.31 -29.97 25.24
CA LEU B 374 13.06 -29.09 26.13
C LEU B 374 14.38 -29.68 26.64
N PRO B 375 14.50 -30.96 26.98
CA PRO B 375 15.81 -31.45 27.47
C PRO B 375 16.96 -31.18 26.51
N PHE B 376 16.71 -31.19 25.19
CA PHE B 376 17.78 -30.88 24.23
C PHE B 376 18.13 -29.41 24.22
N MET B 377 17.26 -28.54 24.74
CA MET B 377 17.50 -27.10 24.80
C MET B 377 17.93 -26.63 26.17
N ALA B 378 18.02 -27.54 27.15
CA ALA B 378 18.33 -27.16 28.52
C ALA B 378 19.78 -27.42 28.88
N THR B 379 20.64 -27.61 27.87
CA THR B 379 22.04 -27.95 28.12
C THR B 379 22.72 -26.93 29.03
N GLU B 380 22.55 -25.64 28.72
CA GLU B 380 23.25 -24.61 29.48
C GLU B 380 22.78 -24.56 30.94
N ASN B 381 21.49 -24.83 31.17
CA ASN B 381 21.00 -24.89 32.55
C ASN B 381 21.65 -26.04 33.31
N ILE B 382 21.66 -27.24 32.71
CA ILE B 382 22.30 -28.38 33.35
C ILE B 382 23.76 -28.08 33.64
N ILE B 383 24.42 -27.38 32.72
CA ILE B 383 25.84 -27.08 32.89
C ILE B 383 26.03 -26.10 34.04
N MET B 384 25.32 -24.97 33.99
CA MET B 384 25.44 -23.97 35.04
C MET B 384 25.11 -24.55 36.41
N ALA B 385 24.08 -25.39 36.48
CA ALA B 385 23.69 -25.96 37.77
C ALA B 385 24.76 -26.86 38.36
N MET B 386 25.59 -27.46 37.52
CA MET B 386 26.66 -28.30 38.04
C MET B 386 27.91 -27.49 38.38
N VAL B 387 28.23 -26.47 37.58
CA VAL B 387 29.28 -25.53 37.94
C VAL B 387 28.96 -24.86 39.27
N GLU B 388 27.71 -24.41 39.41
CA GLU B 388 27.22 -23.87 40.67
C GLU B 388 27.54 -24.79 41.85
N LYS B 389 27.49 -26.10 41.64
CA LYS B 389 27.74 -27.05 42.71
C LYS B 389 29.20 -27.51 42.77
N GLY B 390 30.12 -26.74 42.17
CA GLY B 390 31.53 -27.05 42.22
C GLY B 390 32.07 -27.88 41.09
N GLY B 391 31.24 -28.26 40.13
CA GLY B 391 31.71 -29.06 39.02
C GLY B 391 32.46 -28.23 37.98
N SER B 392 33.22 -28.93 37.15
CA SER B 392 33.88 -28.31 36.01
C SER B 392 32.88 -28.14 34.88
N ARG B 393 32.97 -27.01 34.17
CA ARG B 393 31.96 -26.72 33.16
C ARG B 393 32.12 -27.62 31.93
N GLN B 394 33.34 -27.68 31.37
CA GLN B 394 33.59 -28.53 30.21
C GLN B 394 33.46 -30.00 30.54
N ASP B 395 33.94 -30.41 31.71
CA ASP B 395 33.69 -31.78 32.17
C ASP B 395 32.20 -32.07 32.17
N CYS B 396 31.39 -31.10 32.59
CA CYS B 396 29.94 -31.28 32.52
C CYS B 396 29.43 -31.15 31.09
N HIS B 397 30.02 -30.25 30.30
CA HIS B 397 29.59 -30.10 28.92
C HIS B 397 29.84 -31.37 28.12
N GLU B 398 30.91 -32.10 28.43
CA GLU B 398 31.17 -33.34 27.73
C GLU B 398 30.24 -34.45 28.20
N GLU B 399 29.97 -34.51 29.51
CA GLU B 399 29.10 -35.56 30.03
C GLU B 399 27.69 -35.42 29.48
N ILE B 400 27.22 -34.20 29.24
CA ILE B 400 25.87 -34.05 28.74
C ILE B 400 25.80 -34.42 27.26
N ARG B 401 26.79 -33.98 26.46
CA ARG B 401 26.80 -34.33 25.05
C ARG B 401 26.73 -35.84 24.84
N VAL B 402 27.40 -36.60 25.71
CA VAL B 402 27.34 -38.06 25.64
C VAL B 402 25.91 -38.55 25.80
N LEU B 403 25.23 -38.08 26.85
CA LEU B 403 23.85 -38.47 27.09
C LEU B 403 22.90 -37.92 26.03
N SER B 404 23.17 -36.71 25.54
CA SER B 404 22.29 -36.13 24.53
C SER B 404 22.34 -36.93 23.23
N HIS B 405 23.55 -37.29 22.79
CA HIS B 405 23.65 -38.10 21.58
C HIS B 405 22.94 -39.43 21.75
N GLN B 406 23.03 -40.03 22.92
CA GLN B 406 22.32 -41.28 23.19
C GLN B 406 20.81 -41.08 23.12
N ALA B 407 20.33 -40.02 23.78
CA ALA B 407 18.90 -39.69 23.70
C ALA B 407 18.49 -39.41 22.26
N SER B 408 19.26 -38.58 21.56
CA SER B 408 18.97 -38.25 20.16
C SER B 408 18.92 -39.50 19.31
N ALA B 409 19.87 -40.43 19.50
CA ALA B 409 19.81 -41.71 18.83
C ALA B 409 18.53 -42.45 19.20
N VAL B 410 18.13 -42.40 20.47
CA VAL B 410 16.89 -43.07 20.85
C VAL B 410 15.69 -42.42 20.18
N VAL B 411 15.74 -41.14 19.87
CA VAL B 411 14.57 -40.53 19.28
C VAL B 411 14.51 -40.79 17.79
N LYS B 412 15.61 -40.46 17.09
CA LYS B 412 15.67 -40.53 15.63
C LYS B 412 16.02 -41.93 15.12
N GLN B 413 17.08 -42.44 15.75
CA GLN B 413 17.64 -43.73 15.51
C GLN B 413 16.73 -44.76 16.12
N GLU B 414 16.02 -44.48 17.22
CA GLU B 414 15.19 -45.65 17.60
C GLU B 414 13.66 -45.50 17.66
N GLY B 415 13.17 -44.29 17.80
CA GLY B 415 11.76 -44.09 17.93
C GLY B 415 11.10 -44.07 19.31
N GLY B 416 11.79 -44.17 20.46
CA GLY B 416 11.04 -44.10 21.69
C GLY B 416 11.00 -42.66 22.16
N ASP B 417 10.38 -42.46 23.30
CA ASP B 417 10.35 -41.13 23.88
C ASP B 417 11.77 -40.67 24.18
N ASN B 418 12.01 -39.37 24.02
CA ASN B 418 13.23 -38.78 24.55
C ASN B 418 13.43 -39.23 25.99
N ASP B 419 14.60 -39.83 26.27
CA ASP B 419 14.92 -40.30 27.62
C ASP B 419 16.16 -39.61 28.19
N LEU B 420 16.43 -38.36 27.76
CA LEU B 420 17.63 -37.67 28.22
C LEU B 420 17.59 -37.42 29.72
N ILE B 421 16.44 -36.99 30.26
CA ILE B 421 16.33 -36.73 31.70
C ILE B 421 16.51 -38.02 32.49
N GLU B 422 15.88 -39.10 32.03
CA GLU B 422 16.12 -40.41 32.64
C GLU B 422 17.61 -40.77 32.59
N ARG B 423 18.26 -40.52 31.45
CA ARG B 423 19.70 -40.79 31.33
C ARG B 423 20.51 -39.96 32.33
N ILE B 424 20.11 -38.71 32.59
CA ILE B 424 20.84 -37.88 33.55
C ILE B 424 20.69 -38.44 34.95
N LYS B 425 19.46 -38.85 35.32
CA LYS B 425 19.22 -39.46 36.62
C LYS B 425 19.96 -40.79 36.79
N SER B 426 20.41 -41.39 35.70
CA SER B 426 21.10 -42.67 35.78
C SER B 426 22.61 -42.53 35.65
N THR B 427 23.12 -41.31 35.51
CA THR B 427 24.55 -41.07 35.38
C THR B 427 25.09 -40.50 36.68
N GLU B 428 26.05 -41.20 37.29
CA GLU B 428 26.52 -40.83 38.61
C GLU B 428 27.11 -39.43 38.62
N TYR B 429 27.73 -39.00 37.53
CA TYR B 429 28.33 -37.67 37.47
C TYR B 429 27.34 -36.58 37.86
N PHE B 430 26.08 -36.71 37.43
CA PHE B 430 25.10 -35.65 37.62
C PHE B 430 24.35 -35.73 38.95
N LYS B 431 24.80 -36.56 39.88
CA LYS B 431 24.08 -36.71 41.14
C LYS B 431 23.81 -35.39 41.87
N PRO B 432 24.72 -34.39 41.88
CA PRO B 432 24.41 -33.15 42.61
C PRO B 432 23.09 -32.48 42.24
N ILE B 433 22.58 -32.73 41.03
CA ILE B 433 21.37 -32.05 40.57
C ILE B 433 20.20 -32.99 40.37
N TRP B 434 20.29 -34.25 40.84
CA TRP B 434 19.21 -35.18 40.57
C TRP B 434 17.88 -34.69 41.15
N ASN B 435 17.91 -34.03 42.29
CA ASN B 435 16.72 -33.46 42.88
C ASN B 435 16.42 -32.03 42.38
N ASP B 436 17.21 -31.49 41.47
CA ASP B 436 16.97 -30.18 40.87
C ASP B 436 16.55 -30.25 39.41
N LEU B 437 16.38 -31.45 38.85
CA LEU B 437 16.04 -31.55 37.43
C LEU B 437 14.62 -31.08 37.16
N ASP B 438 13.70 -31.33 38.10
CA ASP B 438 12.35 -30.78 37.96
C ASP B 438 12.40 -29.26 37.85
N THR B 439 13.25 -28.62 38.66
CA THR B 439 13.38 -27.16 38.61
C THR B 439 14.09 -26.71 37.34
N LEU B 440 15.21 -27.36 36.99
CA LEU B 440 15.95 -26.98 35.79
C LEU B 440 15.18 -27.24 34.51
N LEU B 441 14.13 -28.06 34.54
CA LEU B 441 13.34 -28.33 33.36
C LEU B 441 11.94 -27.73 33.45
N ASP B 442 11.72 -26.84 34.38
CA ASP B 442 10.41 -26.23 34.54
C ASP B 442 10.14 -25.28 33.37
N PRO B 443 9.15 -25.56 32.51
CA PRO B 443 8.97 -24.71 31.31
C PRO B 443 8.78 -23.24 31.63
N LYS B 444 8.12 -22.91 32.75
CA LYS B 444 7.86 -21.50 33.03
C LYS B 444 9.13 -20.70 33.18
N THR B 445 10.23 -21.35 33.57
CA THR B 445 11.52 -20.68 33.71
C THR B 445 12.20 -20.41 32.38
N PHE B 446 11.63 -20.89 31.26
CA PHE B 446 12.27 -20.77 29.95
C PHE B 446 11.64 -19.73 29.03
N VAL B 447 10.51 -19.14 29.40
CA VAL B 447 9.73 -18.33 28.44
C VAL B 447 10.16 -16.86 28.46
N GLY B 448 11.30 -16.55 29.07
CA GLY B 448 11.81 -15.18 29.04
C GLY B 448 10.75 -14.18 29.50
N ARG B 449 10.60 -13.09 28.74
CA ARG B 449 9.63 -12.05 29.04
C ARG B 449 8.31 -12.22 28.29
N ALA B 450 8.06 -13.37 27.68
CA ALA B 450 6.84 -13.53 26.88
C ALA B 450 5.54 -13.18 27.62
N PRO B 451 5.33 -13.61 28.87
CA PRO B 451 4.11 -13.14 29.58
C PRO B 451 4.05 -11.63 29.74
N GLN B 452 5.14 -11.00 30.17
CA GLN B 452 5.15 -9.55 30.39
C GLN B 452 4.91 -8.79 29.08
N GLN B 453 5.55 -9.24 27.99
CA GLN B 453 5.38 -8.61 26.69
C GLN B 453 3.91 -8.63 26.27
N THR B 454 3.24 -9.76 26.48
CA THR B 454 1.84 -9.92 26.09
C THR B 454 0.95 -8.99 26.89
N GLU B 455 1.08 -9.00 28.22
CA GLU B 455 0.22 -8.16 29.04
C GLU B 455 0.35 -6.70 28.64
N LYS B 456 1.57 -6.23 28.43
CA LYS B 456 1.78 -4.84 28.11
C LYS B 456 1.22 -4.51 26.73
N PHE B 457 1.27 -5.47 25.81
CA PHE B 457 0.84 -5.18 24.44
C PHE B 457 -0.67 -5.11 24.35
N VAL B 458 -1.37 -6.04 25.02
CA VAL B 458 -2.82 -5.98 25.05
C VAL B 458 -3.29 -4.74 25.82
N LYS B 459 -2.68 -4.46 26.93
CA LYS B 459 -3.14 -3.36 27.76
C LYS B 459 -2.81 -1.98 27.28
N ASN B 460 -1.82 -1.89 26.44
CA ASN B 460 -1.40 -0.59 25.93
C ASN B 460 -1.63 -0.50 24.43
N ASP B 461 -0.82 -1.18 23.62
CA ASP B 461 -0.90 -1.04 22.17
C ASP B 461 -2.31 -1.33 21.67
N VAL B 462 -2.87 -2.49 22.06
CA VAL B 462 -4.18 -2.90 21.56
C VAL B 462 -5.27 -2.00 22.11
N ALA B 463 -5.22 -1.71 23.41
CA ALA B 463 -6.26 -0.87 24.00
C ALA B 463 -6.26 0.53 23.39
N ASN B 464 -5.07 1.13 23.23
CA ASN B 464 -4.98 2.46 22.62
C ASN B 464 -5.48 2.44 21.19
N ALA B 465 -5.16 1.38 20.44
CA ALA B 465 -5.59 1.30 19.05
C ALA B 465 -7.10 1.17 18.95
N LEU B 466 -7.72 0.43 19.87
CA LEU B 466 -9.15 0.17 19.78
C LEU B 466 -10.00 1.25 20.44
N LYS B 467 -9.40 2.11 21.26
CA LYS B 467 -10.17 3.13 21.96
C LYS B 467 -11.04 3.99 21.05
N PRO B 468 -10.57 4.50 19.90
CA PRO B 468 -11.47 5.27 19.01
C PRO B 468 -12.66 4.48 18.47
N PHE B 469 -12.60 3.14 18.46
CA PHE B 469 -13.65 2.31 17.88
C PHE B 469 -14.41 1.52 18.94
N GLU B 470 -14.33 1.94 20.20
CA GLU B 470 -14.99 1.19 21.28
C GLU B 470 -16.46 0.95 21.00
N LYS B 471 -17.14 1.91 20.36
CA LYS B 471 -18.56 1.76 20.09
C LYS B 471 -18.87 0.63 19.12
N TYR B 472 -17.90 0.18 18.31
CA TYR B 472 -18.15 -0.93 17.39
C TYR B 472 -17.91 -2.31 17.99
N ILE B 473 -17.38 -2.39 19.20
CA ILE B 473 -17.07 -3.68 19.82
C ILE B 473 -18.36 -4.31 20.30
N THR B 474 -18.62 -5.54 19.85
CA THR B 474 -19.82 -6.27 20.23
C THR B 474 -19.47 -7.53 21.00
N THR B 475 -20.51 -8.27 21.35
CA THR B 475 -20.33 -9.60 21.94
C THR B 475 -21.06 -10.61 21.06
N GLU B 476 -21.35 -11.79 21.59
CA GLU B 476 -22.07 -12.78 20.80
C GLU B 476 -23.35 -13.21 21.53
CL CL C . 18.91 -9.89 20.25
CL CL D . 16.74 -15.28 23.96
CL CL E . 16.68 2.03 -21.32
C1 GOL F . 22.20 14.72 -13.35
O1 GOL F . 23.31 14.18 -14.01
C2 GOL F . 22.54 14.73 -11.84
O2 GOL F . 23.89 14.50 -11.62
C3 GOL F . 22.10 16.13 -11.34
O3 GOL F . 21.89 15.99 -9.97
MG MG G . -2.77 22.30 -45.23
CL CL H . -19.66 16.47 -13.96
CL CL I . -17.47 20.37 -19.14
CL CL J . -39.12 -3.05 -6.31
CL CL K . -13.82 -23.41 1.33
CL CL L . -18.00 30.51 -19.75
C1 GOL M . -24.03 12.51 6.01
O1 GOL M . -24.22 11.56 4.99
C2 GOL M . -24.54 13.86 5.45
O2 GOL M . -25.92 13.91 5.45
C3 GOL M . -23.90 14.94 6.37
O3 GOL M . -24.21 16.17 5.79
CA CA N . -13.11 34.69 -6.97
CA CA O . -38.30 21.74 0.06
C1 PGE P . -6.44 -20.46 30.43
O1 PGE P . -7.87 -20.45 30.48
C2 PGE P . -5.87 -21.77 30.99
O2 PGE P . -4.44 -21.68 30.90
C3 PGE P . -4.02 -20.56 31.68
C4 PGE P . -2.53 -20.26 31.69
O4 PGE P . 0.40 -22.49 33.83
C6 PGE P . 0.67 -21.93 32.55
C5 PGE P . -0.34 -20.85 32.18
O3 PGE P . -1.70 -21.31 32.14
MG MG Q . 13.26 -31.09 43.15
#